data_2YSA
#
_entry.id   2YSA
#
loop_
_entity.id
_entity.type
_entity.pdbx_description
1 polymer 'Retinoblastoma-binding protein 6'
2 non-polymer 'ZINC ION'
#
_entity_poly.entity_id   1
_entity_poly.type   'polypeptide(L)'
_entity_poly.pdbx_seq_one_letter_code
;GSSGSSGYTCFRCGKPGHYIKNCPTNGDKNFESGPRIKKSTGIPRSFMMEVKDPN
;
_entity_poly.pdbx_strand_id   A
#
loop_
_chem_comp.id
_chem_comp.type
_chem_comp.name
_chem_comp.formula
ZN non-polymer 'ZINC ION' 'Zn 2'
#
# COMPACT_ATOMS: atom_id res chain seq x y z
N GLY A 1 7.80 9.04 -8.01
CA GLY A 1 7.27 7.81 -8.58
C GLY A 1 8.19 7.19 -9.61
N SER A 2 8.25 5.87 -9.61
CA SER A 2 9.10 5.15 -10.56
C SER A 2 8.27 4.52 -11.66
N SER A 3 8.82 4.51 -12.88
CA SER A 3 8.12 3.94 -14.03
C SER A 3 8.91 2.77 -14.61
N GLY A 4 8.34 1.57 -14.52
CA GLY A 4 9.00 0.40 -15.05
C GLY A 4 8.60 -0.87 -14.32
N SER A 5 9.24 -1.12 -13.18
CA SER A 5 8.96 -2.30 -12.39
C SER A 5 7.46 -2.63 -12.42
N SER A 6 6.65 -1.66 -12.01
CA SER A 6 5.20 -1.84 -11.99
C SER A 6 4.50 -0.72 -12.75
N GLY A 7 3.36 -1.04 -13.36
CA GLY A 7 2.61 -0.05 -14.11
C GLY A 7 2.32 1.20 -13.30
N TYR A 8 1.70 1.03 -12.14
CA TYR A 8 1.38 2.16 -11.27
C TYR A 8 1.06 1.68 -9.85
N THR A 9 0.99 2.63 -8.92
CA THR A 9 0.69 2.31 -7.54
C THR A 9 -0.04 3.45 -6.85
N CYS A 10 -0.85 3.12 -5.84
CA CYS A 10 -1.60 4.12 -5.11
C CYS A 10 -0.69 5.23 -4.60
N PHE A 11 -0.87 6.43 -5.15
CA PHE A 11 -0.05 7.57 -4.76
C PHE A 11 -0.51 8.12 -3.41
N ARG A 12 -1.54 7.51 -2.84
CA ARG A 12 -2.06 7.93 -1.55
C ARG A 12 -1.23 7.36 -0.41
N CYS A 13 -1.30 6.03 -0.24
CA CYS A 13 -0.56 5.36 0.82
C CYS A 13 0.73 4.74 0.27
N GLY A 14 0.70 4.39 -1.02
CA GLY A 14 1.87 3.79 -1.64
C GLY A 14 1.79 2.28 -1.69
N LYS A 15 0.59 1.76 -1.96
CA LYS A 15 0.38 0.31 -2.04
C LYS A 15 -0.29 -0.06 -3.35
N PRO A 16 0.28 -1.06 -4.04
CA PRO A 16 -0.25 -1.54 -5.32
C PRO A 16 -1.58 -2.28 -5.16
N GLY A 17 -2.12 -2.77 -6.27
CA GLY A 17 -3.37 -3.49 -6.23
C GLY A 17 -4.57 -2.56 -6.35
N HIS A 18 -4.43 -1.33 -5.87
CA HIS A 18 -5.51 -0.36 -5.93
C HIS A 18 -4.97 1.02 -6.31
N TYR A 19 -5.87 1.93 -6.65
CA TYR A 19 -5.49 3.28 -7.04
C TYR A 19 -5.89 4.29 -5.97
N ILE A 20 -5.19 5.42 -5.93
CA ILE A 20 -5.46 6.46 -4.94
C ILE A 20 -6.96 6.72 -4.83
N LYS A 21 -7.66 6.60 -5.96
CA LYS A 21 -9.11 6.80 -5.98
C LYS A 21 -9.84 5.66 -5.28
N ASN A 22 -9.29 4.46 -5.39
CA ASN A 22 -9.89 3.28 -4.78
C ASN A 22 -9.14 2.89 -3.51
N CYS A 23 -8.35 3.81 -2.99
CA CYS A 23 -7.56 3.56 -1.78
C CYS A 23 -8.47 3.43 -0.56
N PRO A 24 -8.21 2.41 0.27
CA PRO A 24 -8.98 2.16 1.49
C PRO A 24 -8.76 3.23 2.55
N THR A 25 -7.50 3.55 2.81
CA THR A 25 -7.16 4.56 3.81
C THR A 25 -8.12 5.74 3.75
N ASN A 26 -8.67 6.00 2.57
CA ASN A 26 -9.61 7.09 2.39
C ASN A 26 -10.63 7.13 3.51
N GLY A 27 -11.25 5.97 3.77
CA GLY A 27 -12.25 5.89 4.83
C GLY A 27 -11.64 5.49 6.16
N ASP A 28 -10.55 6.15 6.55
CA ASP A 28 -9.90 5.85 7.80
C ASP A 28 -9.21 7.10 8.36
N LYS A 29 -9.19 7.20 9.69
CA LYS A 29 -8.57 8.35 10.35
C LYS A 29 -7.11 8.06 10.69
N ASN A 30 -6.88 6.93 11.34
CA ASN A 30 -5.52 6.54 11.72
C ASN A 30 -5.06 5.32 10.93
N PHE A 31 -4.16 5.55 9.97
CA PHE A 31 -3.64 4.47 9.14
C PHE A 31 -2.12 4.50 9.09
N GLU A 32 -1.53 3.46 8.50
CA GLU A 32 -0.08 3.38 8.39
C GLU A 32 0.46 4.39 7.39
N SER A 33 1.78 4.49 7.30
CA SER A 33 2.41 5.42 6.37
C SER A 33 3.39 4.69 5.46
N GLY A 34 3.45 5.12 4.20
CA GLY A 34 4.34 4.50 3.24
C GLY A 34 4.45 2.99 3.43
N PRO A 35 5.54 2.41 2.92
CA PRO A 35 5.77 0.96 3.02
C PRO A 35 6.07 0.52 4.44
N ARG A 36 7.00 1.20 5.08
CA ARG A 36 7.39 0.88 6.45
C ARG A 36 7.94 2.10 7.17
N ILE A 37 8.27 1.95 8.45
CA ILE A 37 8.81 3.04 9.25
C ILE A 37 10.23 3.39 8.80
N LYS A 38 10.93 2.40 8.24
CA LYS A 38 12.30 2.61 7.77
C LYS A 38 12.30 3.22 6.38
N LYS A 39 13.04 4.31 6.21
CA LYS A 39 13.14 4.99 4.92
C LYS A 39 14.40 4.56 4.18
N SER A 40 15.53 4.56 4.88
CA SER A 40 16.80 4.17 4.28
C SER A 40 17.79 3.73 5.35
N THR A 41 18.87 3.08 4.92
CA THR A 41 19.89 2.59 5.84
C THR A 41 21.01 3.61 6.00
N GLY A 42 21.59 4.03 4.87
CA GLY A 42 22.67 4.99 4.91
C GLY A 42 23.44 5.04 3.60
N ILE A 43 22.74 4.85 2.49
CA ILE A 43 23.37 4.88 1.17
C ILE A 43 22.59 5.76 0.21
N PRO A 44 23.31 6.41 -0.72
CA PRO A 44 22.71 7.28 -1.72
C PRO A 44 21.89 6.52 -2.75
N ARG A 45 22.49 5.49 -3.33
CA ARG A 45 21.81 4.68 -4.33
C ARG A 45 22.44 3.29 -4.43
N SER A 46 21.64 2.26 -4.20
CA SER A 46 22.12 0.88 -4.26
C SER A 46 21.89 0.29 -5.65
N PHE A 47 20.64 0.24 -6.07
CA PHE A 47 20.29 -0.32 -7.37
C PHE A 47 20.10 0.80 -8.40
N MET A 48 19.49 1.91 -7.97
CA MET A 48 19.25 3.04 -8.85
C MET A 48 20.50 3.36 -9.67
N MET A 49 21.65 2.92 -9.18
CA MET A 49 22.91 3.16 -9.87
C MET A 49 23.12 2.15 -11.00
N GLU A 50 22.94 2.60 -12.23
CA GLU A 50 23.10 1.73 -13.39
C GLU A 50 24.38 2.07 -14.15
N VAL A 51 25.21 2.91 -13.55
CA VAL A 51 26.47 3.32 -14.16
C VAL A 51 27.45 2.16 -14.25
N LYS A 52 28.10 2.03 -15.40
CA LYS A 52 29.06 0.96 -15.62
C LYS A 52 30.37 1.51 -16.18
N ASP A 53 31.49 0.92 -15.76
CA ASP A 53 32.80 1.35 -16.23
C ASP A 53 33.64 0.15 -16.66
N PRO A 54 34.10 0.17 -17.92
CA PRO A 54 34.92 -0.91 -18.48
C PRO A 54 36.32 -0.95 -17.87
N ASN A 55 36.71 0.15 -17.22
CA ASN A 55 38.03 0.24 -16.60
C ASN A 55 37.90 0.59 -15.12
ZN ZN B . -3.68 3.27 -0.97
N GLY A 1 10.16 10.57 -19.23
CA GLY A 1 8.96 9.83 -18.86
C GLY A 1 9.28 8.57 -18.10
N SER A 2 9.35 8.67 -16.76
CA SER A 2 9.66 7.53 -15.93
C SER A 2 8.40 6.72 -15.63
N SER A 3 7.43 7.37 -14.96
CA SER A 3 6.18 6.72 -14.62
C SER A 3 5.24 6.66 -15.82
N GLY A 4 4.35 5.67 -15.83
CA GLY A 4 3.41 5.53 -16.92
C GLY A 4 3.36 4.12 -17.47
N SER A 5 4.53 3.53 -17.69
CA SER A 5 4.62 2.18 -18.22
C SER A 5 4.66 1.15 -17.09
N SER A 6 5.55 1.37 -16.13
CA SER A 6 5.69 0.47 -15.00
C SER A 6 4.39 0.36 -14.22
N GLY A 7 4.15 -0.80 -13.62
CA GLY A 7 2.94 -1.01 -12.85
C GLY A 7 2.66 0.12 -11.89
N TYR A 8 1.64 0.92 -12.20
CA TYR A 8 1.28 2.05 -11.34
C TYR A 8 1.06 1.60 -9.90
N THR A 9 0.80 2.56 -9.02
CA THR A 9 0.58 2.25 -7.61
C THR A 9 -0.15 3.41 -6.91
N CYS A 10 -0.89 3.08 -5.87
CA CYS A 10 -1.63 4.08 -5.11
C CYS A 10 -0.72 5.20 -4.65
N PHE A 11 -0.91 6.39 -5.24
CA PHE A 11 -0.10 7.55 -4.88
C PHE A 11 -0.52 8.14 -3.54
N ARG A 12 -1.51 7.49 -2.91
CA ARG A 12 -2.02 7.94 -1.63
C ARG A 12 -1.17 7.39 -0.48
N CYS A 13 -1.25 6.08 -0.28
CA CYS A 13 -0.48 5.42 0.78
C CYS A 13 0.80 4.81 0.23
N GLY A 14 0.76 4.41 -1.04
CA GLY A 14 1.91 3.80 -1.67
C GLY A 14 1.83 2.29 -1.71
N LYS A 15 0.64 1.77 -1.97
CA LYS A 15 0.43 0.33 -2.04
C LYS A 15 -0.27 -0.05 -3.34
N PRO A 16 0.27 -1.08 -4.02
CA PRO A 16 -0.27 -1.56 -5.29
C PRO A 16 -1.62 -2.26 -5.11
N GLY A 17 -2.13 -2.83 -6.20
CA GLY A 17 -3.40 -3.53 -6.14
C GLY A 17 -4.58 -2.59 -6.29
N HIS A 18 -4.42 -1.36 -5.81
CA HIS A 18 -5.48 -0.36 -5.89
C HIS A 18 -4.92 1.01 -6.29
N TYR A 19 -5.81 1.95 -6.56
CA TYR A 19 -5.40 3.29 -6.95
C TYR A 19 -5.76 4.31 -5.88
N ILE A 20 -5.09 5.46 -5.92
CA ILE A 20 -5.34 6.52 -4.95
C ILE A 20 -6.84 6.81 -4.81
N LYS A 21 -7.56 6.67 -5.92
CA LYS A 21 -9.00 6.91 -5.92
C LYS A 21 -9.74 5.76 -5.26
N ASN A 22 -9.21 4.55 -5.41
CA ASN A 22 -9.82 3.36 -4.83
C ASN A 22 -9.09 2.95 -3.55
N CYS A 23 -8.29 3.86 -3.01
CA CYS A 23 -7.54 3.58 -1.79
C CYS A 23 -8.47 3.46 -0.59
N PRO A 24 -8.23 2.42 0.24
CA PRO A 24 -9.04 2.17 1.44
C PRO A 24 -8.82 3.22 2.52
N THR A 25 -7.55 3.54 2.78
CA THR A 25 -7.21 4.52 3.80
C THR A 25 -8.25 5.64 3.85
N ASN A 26 -8.82 5.96 2.69
CA ASN A 26 -9.84 7.01 2.62
C ASN A 26 -10.99 6.73 3.56
N GLY A 27 -11.30 7.70 4.42
CA GLY A 27 -12.39 7.54 5.37
C GLY A 27 -11.91 7.07 6.72
N ASP A 28 -10.87 6.25 6.74
CA ASP A 28 -10.32 5.73 7.98
C ASP A 28 -9.82 6.87 8.87
N LYS A 29 -10.53 7.11 9.96
CA LYS A 29 -10.16 8.18 10.89
C LYS A 29 -8.73 8.00 11.39
N ASN A 30 -8.47 6.84 11.98
CA ASN A 30 -7.13 6.53 12.51
C ASN A 30 -6.05 7.07 11.59
N PHE A 31 -6.20 6.80 10.29
CA PHE A 31 -5.23 7.26 9.31
C PHE A 31 -5.47 8.72 8.95
N GLU A 32 -4.48 9.56 9.23
CA GLU A 32 -4.58 10.99 8.96
C GLU A 32 -3.28 11.51 8.36
N SER A 33 -3.39 12.47 7.43
CA SER A 33 -2.23 13.05 6.79
C SER A 33 -1.39 13.85 7.79
N GLY A 34 -0.10 13.98 7.50
CA GLY A 34 0.78 14.72 8.38
C GLY A 34 2.23 14.32 8.22
N PRO A 35 2.91 14.03 9.34
CA PRO A 35 4.32 13.62 9.33
C PRO A 35 4.52 12.23 8.74
N ARG A 36 5.74 11.98 8.27
CA ARG A 36 6.06 10.69 7.67
C ARG A 36 6.67 9.74 8.70
N ILE A 37 5.96 8.66 9.00
CA ILE A 37 6.42 7.68 9.98
C ILE A 37 7.64 6.93 9.45
N LYS A 38 8.75 7.05 10.17
CA LYS A 38 9.99 6.37 9.79
C LYS A 38 9.85 4.86 9.94
N LYS A 39 10.17 4.13 8.87
CA LYS A 39 10.09 2.68 8.88
C LYS A 39 11.09 2.09 9.88
N SER A 40 10.56 1.55 10.98
CA SER A 40 11.41 0.96 12.01
C SER A 40 11.27 -0.56 12.02
N THR A 41 12.21 -1.23 12.67
CA THR A 41 12.21 -2.69 12.74
C THR A 41 10.95 -3.19 13.46
N GLY A 42 10.35 -4.25 12.92
CA GLY A 42 9.16 -4.81 13.52
C GLY A 42 9.17 -4.72 15.03
N ILE A 43 8.31 -3.86 15.58
CA ILE A 43 8.23 -3.68 17.02
C ILE A 43 7.30 -4.72 17.65
N PRO A 44 7.59 -5.06 18.92
CA PRO A 44 6.80 -6.05 19.66
C PRO A 44 5.41 -5.54 20.01
N ARG A 45 5.35 -4.34 20.59
CA ARG A 45 4.09 -3.73 20.97
C ARG A 45 4.21 -2.22 21.08
N SER A 46 3.29 -1.51 20.43
CA SER A 46 3.30 -0.05 20.44
C SER A 46 2.43 0.50 21.56
N PHE A 47 1.17 0.05 21.60
CA PHE A 47 0.24 0.48 22.62
C PHE A 47 0.79 0.22 24.02
N MET A 48 0.25 0.94 25.00
CA MET A 48 0.68 0.78 26.38
C MET A 48 -0.50 0.45 27.30
N MET A 49 -0.21 -0.05 28.49
CA MET A 49 -1.24 -0.40 29.46
C MET A 49 -1.72 0.84 30.20
N GLU A 50 -3.02 1.11 30.13
CA GLU A 50 -3.61 2.26 30.79
C GLU A 50 -4.06 1.90 32.20
N VAL A 51 -3.55 0.79 32.71
CA VAL A 51 -3.90 0.33 34.05
C VAL A 51 -2.73 -0.41 34.71
N LYS A 52 -2.29 0.09 35.86
CA LYS A 52 -1.18 -0.51 36.58
C LYS A 52 -1.54 -0.73 38.04
N ASP A 53 -1.67 -1.99 38.44
CA ASP A 53 -2.02 -2.32 39.82
C ASP A 53 -1.38 -3.65 40.23
N PRO A 54 -0.40 -3.58 41.15
CA PRO A 54 0.30 -4.76 41.64
C PRO A 54 -0.58 -5.64 42.51
N ASN A 55 -1.36 -5.01 43.39
CA ASN A 55 -2.24 -5.74 44.28
C ASN A 55 -3.70 -5.52 43.90
ZN ZN B . -3.63 3.27 -0.93
N GLY A 1 12.88 -14.03 -14.30
CA GLY A 1 12.52 -13.71 -12.92
C GLY A 1 12.75 -12.26 -12.58
N SER A 2 11.75 -11.63 -11.97
CA SER A 2 11.84 -10.23 -11.59
C SER A 2 12.03 -9.35 -12.82
N SER A 3 11.27 -9.64 -13.87
CA SER A 3 11.36 -8.88 -15.12
C SER A 3 10.17 -7.94 -15.26
N GLY A 4 10.40 -6.81 -15.92
CA GLY A 4 9.34 -5.83 -16.11
C GLY A 4 8.98 -5.11 -14.83
N SER A 5 7.96 -4.26 -14.90
CA SER A 5 7.51 -3.50 -13.74
C SER A 5 6.06 -3.83 -13.39
N SER A 6 5.78 -3.95 -12.09
CA SER A 6 4.44 -4.26 -11.62
C SER A 6 3.41 -3.32 -12.24
N GLY A 7 3.72 -2.03 -12.24
CA GLY A 7 2.82 -1.04 -12.81
C GLY A 7 2.53 0.09 -11.84
N TYR A 8 1.51 0.88 -12.16
CA TYR A 8 1.13 2.01 -11.31
C TYR A 8 0.91 1.57 -9.87
N THR A 9 0.71 2.54 -8.98
CA THR A 9 0.49 2.24 -7.57
C THR A 9 -0.22 3.41 -6.88
N CYS A 10 -0.98 3.09 -5.83
CA CYS A 10 -1.71 4.10 -5.09
C CYS A 10 -0.79 5.22 -4.65
N PHE A 11 -1.00 6.42 -5.19
CA PHE A 11 -0.18 7.58 -4.85
C PHE A 11 -0.56 8.12 -3.49
N ARG A 12 -1.60 7.54 -2.89
CA ARG A 12 -2.06 7.97 -1.57
C ARG A 12 -1.18 7.39 -0.47
N CYS A 13 -1.26 6.07 -0.29
CA CYS A 13 -0.48 5.39 0.74
C CYS A 13 0.78 4.77 0.14
N GLY A 14 0.71 4.43 -1.14
CA GLY A 14 1.85 3.83 -1.82
C GLY A 14 1.77 2.31 -1.84
N LYS A 15 0.57 1.78 -2.00
CA LYS A 15 0.37 0.34 -2.04
C LYS A 15 -0.25 -0.09 -3.37
N PRO A 16 0.32 -1.15 -3.97
CA PRO A 16 -0.16 -1.68 -5.25
C PRO A 16 -1.52 -2.37 -5.11
N GLY A 17 -2.06 -2.82 -6.24
CA GLY A 17 -3.35 -3.48 -6.24
C GLY A 17 -4.50 -2.51 -6.42
N HIS A 18 -4.41 -1.36 -5.78
CA HIS A 18 -5.45 -0.35 -5.87
C HIS A 18 -4.86 1.01 -6.26
N TYR A 19 -5.73 1.99 -6.48
CA TYR A 19 -5.29 3.33 -6.85
C TYR A 19 -5.67 4.34 -5.78
N ILE A 20 -5.04 5.52 -5.85
CA ILE A 20 -5.31 6.57 -4.88
C ILE A 20 -6.80 6.87 -4.79
N LYS A 21 -7.52 6.63 -5.89
CA LYS A 21 -8.95 6.86 -5.93
C LYS A 21 -9.72 5.70 -5.31
N ASN A 22 -9.14 4.51 -5.40
CA ASN A 22 -9.77 3.32 -4.84
C ASN A 22 -9.07 2.88 -3.56
N CYS A 23 -8.30 3.79 -2.97
CA CYS A 23 -7.57 3.50 -1.74
C CYS A 23 -8.53 3.40 -0.56
N PRO A 24 -8.34 2.35 0.27
CA PRO A 24 -9.18 2.12 1.45
C PRO A 24 -8.93 3.15 2.54
N THR A 25 -7.67 3.47 2.78
CA THR A 25 -7.31 4.45 3.79
C THR A 25 -8.26 5.63 3.79
N ASN A 26 -8.73 6.00 2.59
CA ASN A 26 -9.65 7.13 2.45
C ASN A 26 -10.66 7.16 3.60
N GLY A 27 -11.14 5.98 3.99
CA GLY A 27 -12.11 5.89 5.07
C GLY A 27 -11.58 5.10 6.25
N ASP A 28 -10.36 5.41 6.67
CA ASP A 28 -9.74 4.71 7.79
C ASP A 28 -8.79 5.65 8.55
N LYS A 29 -8.51 5.30 9.80
CA LYS A 29 -7.63 6.10 10.64
C LYS A 29 -6.22 5.52 10.65
N ASN A 30 -6.08 4.31 11.16
CA ASN A 30 -4.79 3.64 11.22
C ASN A 30 -4.75 2.42 10.30
N PHE A 31 -4.11 2.57 9.15
CA PHE A 31 -4.01 1.48 8.19
C PHE A 31 -3.14 0.35 8.74
N GLU A 32 -2.15 0.71 9.54
CA GLU A 32 -1.25 -0.27 10.14
C GLU A 32 -2.01 -1.24 11.04
N SER A 33 -2.94 -0.69 11.83
CA SER A 33 -3.74 -1.50 12.74
C SER A 33 -5.22 -1.42 12.39
N GLY A 34 -5.76 -2.55 11.94
CA GLY A 34 -7.17 -2.59 11.56
C GLY A 34 -7.59 -3.96 11.07
N PRO A 35 -8.68 -4.49 11.65
CA PRO A 35 -9.22 -5.80 11.27
C PRO A 35 -9.82 -5.81 9.87
N ARG A 36 -9.73 -4.67 9.19
CA ARG A 36 -10.28 -4.55 7.84
C ARG A 36 -9.74 -5.65 6.93
N ILE A 37 -10.56 -6.08 5.98
CA ILE A 37 -10.16 -7.12 5.05
C ILE A 37 -10.06 -6.58 3.62
N LYS A 38 -9.13 -7.13 2.85
CA LYS A 38 -8.93 -6.70 1.48
C LYS A 38 -9.49 -7.73 0.50
N LYS A 39 -10.42 -7.29 -0.35
CA LYS A 39 -11.04 -8.16 -1.33
C LYS A 39 -10.25 -8.16 -2.65
N SER A 40 -9.95 -6.96 -3.14
CA SER A 40 -9.21 -6.81 -4.38
C SER A 40 -7.82 -7.43 -4.26
N THR A 41 -7.56 -8.47 -5.05
CA THR A 41 -6.27 -9.15 -5.03
C THR A 41 -5.75 -9.38 -6.44
N GLY A 42 -4.50 -8.96 -6.67
CA GLY A 42 -3.91 -9.14 -7.99
C GLY A 42 -3.94 -10.57 -8.46
N ILE A 43 -4.28 -10.78 -9.73
CA ILE A 43 -4.35 -12.11 -10.30
C ILE A 43 -3.27 -12.32 -11.36
N PRO A 44 -2.83 -13.57 -11.53
CA PRO A 44 -1.81 -13.92 -12.51
C PRO A 44 -2.31 -13.80 -13.95
N ARG A 45 -2.34 -12.58 -14.46
CA ARG A 45 -2.79 -12.33 -15.82
C ARG A 45 -2.05 -11.16 -16.44
N SER A 46 -1.80 -11.23 -17.74
CA SER A 46 -1.09 -10.17 -18.46
C SER A 46 -1.58 -10.07 -19.90
N PHE A 47 -1.70 -8.84 -20.38
CA PHE A 47 -2.17 -8.60 -21.75
C PHE A 47 -1.11 -7.85 -22.56
N MET A 48 -0.95 -8.24 -23.82
CA MET A 48 0.03 -7.61 -24.69
C MET A 48 -0.65 -6.68 -25.69
N MET A 49 -0.45 -5.37 -25.49
CA MET A 49 -1.06 -4.37 -26.38
C MET A 49 -0.01 -3.76 -27.30
N GLU A 50 1.13 -4.44 -27.43
CA GLU A 50 2.22 -3.97 -28.28
C GLU A 50 1.93 -4.27 -29.75
N VAL A 51 0.68 -4.65 -30.05
CA VAL A 51 0.29 -4.97 -31.41
C VAL A 51 -0.20 -3.73 -32.14
N LYS A 52 0.10 -2.56 -31.60
CA LYS A 52 -0.31 -1.30 -32.20
C LYS A 52 0.76 -0.23 -32.01
N ASP A 53 1.12 0.43 -33.10
CA ASP A 53 2.13 1.49 -33.07
C ASP A 53 1.61 2.71 -32.32
N PRO A 54 2.49 3.32 -31.50
CA PRO A 54 2.13 4.51 -30.72
C PRO A 54 1.94 5.75 -31.59
N ASN A 55 2.05 5.56 -32.91
CA ASN A 55 1.88 6.66 -33.85
C ASN A 55 1.15 6.19 -35.10
ZN ZN B . -3.62 3.27 -0.86
N GLY A 1 10.54 7.13 -23.61
CA GLY A 1 10.16 5.82 -24.11
C GLY A 1 10.14 4.78 -23.02
N SER A 2 9.45 5.08 -21.92
CA SER A 2 9.36 4.15 -20.80
C SER A 2 8.15 3.24 -20.93
N SER A 3 8.36 1.95 -20.72
CA SER A 3 7.28 0.97 -20.83
C SER A 3 6.58 0.79 -19.48
N GLY A 4 7.38 0.57 -18.43
CA GLY A 4 6.82 0.38 -17.11
C GLY A 4 6.80 -1.08 -16.69
N SER A 5 7.70 -1.46 -15.80
CA SER A 5 7.78 -2.83 -15.33
C SER A 5 6.50 -3.24 -14.61
N SER A 6 6.13 -2.48 -13.58
CA SER A 6 4.92 -2.76 -12.81
C SER A 6 3.72 -2.06 -13.43
N GLY A 7 3.81 -0.75 -13.56
CA GLY A 7 2.72 0.02 -14.12
C GLY A 7 2.39 1.27 -13.32
N TYR A 8 1.77 1.07 -12.15
CA TYR A 8 1.41 2.18 -11.29
C TYR A 8 1.09 1.69 -9.88
N THR A 9 0.94 2.63 -8.95
CA THR A 9 0.64 2.30 -7.56
C THR A 9 -0.07 3.45 -6.87
N CYS A 10 -0.88 3.11 -5.86
CA CYS A 10 -1.63 4.11 -5.12
C CYS A 10 -0.71 5.22 -4.62
N PHE A 11 -0.85 6.40 -5.20
CA PHE A 11 -0.04 7.56 -4.82
C PHE A 11 -0.47 8.11 -3.47
N ARG A 12 -1.52 7.52 -2.91
CA ARG A 12 -2.04 7.96 -1.62
C ARG A 12 -1.22 7.39 -0.47
N CYS A 13 -1.30 6.07 -0.29
CA CYS A 13 -0.56 5.40 0.78
C CYS A 13 0.72 4.79 0.23
N GLY A 14 0.71 4.42 -1.05
CA GLY A 14 1.88 3.82 -1.66
C GLY A 14 1.80 2.30 -1.70
N LYS A 15 0.60 1.79 -1.96
CA LYS A 15 0.40 0.34 -2.02
C LYS A 15 -0.28 -0.05 -3.33
N PRO A 16 0.28 -1.07 -4.00
CA PRO A 16 -0.25 -1.57 -5.27
C PRO A 16 -1.59 -2.29 -5.10
N GLY A 17 -2.12 -2.80 -6.20
CA GLY A 17 -3.39 -3.51 -6.16
C GLY A 17 -4.57 -2.58 -6.33
N HIS A 18 -4.44 -1.35 -5.82
CA HIS A 18 -5.52 -0.37 -5.92
C HIS A 18 -4.96 1.00 -6.34
N TYR A 19 -5.86 1.95 -6.55
CA TYR A 19 -5.47 3.30 -6.96
C TYR A 19 -5.81 4.32 -5.88
N ILE A 20 -5.13 5.46 -5.93
CA ILE A 20 -5.37 6.52 -4.95
C ILE A 20 -6.86 6.82 -4.83
N LYS A 21 -7.59 6.61 -5.91
CA LYS A 21 -9.04 6.85 -5.92
C LYS A 21 -9.78 5.71 -5.25
N ASN A 22 -9.28 4.49 -5.42
CA ASN A 22 -9.90 3.31 -4.84
C ASN A 22 -9.17 2.89 -3.57
N CYS A 23 -8.35 3.79 -3.02
CA CYS A 23 -7.59 3.51 -1.81
C CYS A 23 -8.51 3.40 -0.60
N PRO A 24 -8.28 2.38 0.23
CA PRO A 24 -9.08 2.13 1.43
C PRO A 24 -8.83 3.18 2.51
N THR A 25 -7.56 3.47 2.78
CA THR A 25 -7.19 4.45 3.79
C THR A 25 -8.19 5.61 3.81
N ASN A 26 -8.62 6.03 2.62
CA ASN A 26 -9.58 7.13 2.51
C ASN A 26 -10.66 7.03 3.58
N GLY A 27 -11.27 5.86 3.69
CA GLY A 27 -12.31 5.65 4.68
C GLY A 27 -11.78 5.05 5.97
N ASP A 28 -10.84 5.76 6.60
CA ASP A 28 -10.25 5.29 7.85
C ASP A 28 -10.37 6.35 8.94
N LYS A 29 -10.74 5.92 10.14
CA LYS A 29 -10.88 6.84 11.27
C LYS A 29 -9.53 7.35 11.74
N ASN A 30 -8.55 6.44 11.80
CA ASN A 30 -7.21 6.80 12.24
C ASN A 30 -6.51 7.68 11.20
N PHE A 31 -6.59 7.26 9.94
CA PHE A 31 -5.97 8.01 8.85
C PHE A 31 -6.59 9.40 8.73
N GLU A 32 -7.91 9.47 8.81
CA GLU A 32 -8.61 10.74 8.70
C GLU A 32 -8.11 11.73 9.76
N SER A 33 -7.90 11.24 10.97
CA SER A 33 -7.42 12.07 12.07
C SER A 33 -6.93 11.21 13.22
N GLY A 34 -6.33 11.86 14.23
CA GLY A 34 -5.82 11.15 15.38
C GLY A 34 -4.47 11.66 15.83
N PRO A 35 -3.63 10.76 16.35
CA PRO A 35 -2.28 11.11 16.82
C PRO A 35 -1.34 11.49 15.68
N ARG A 36 -1.87 11.50 14.47
CA ARG A 36 -1.08 11.85 13.30
C ARG A 36 0.03 10.83 13.07
N ILE A 37 -0.34 9.54 13.13
CA ILE A 37 0.63 8.47 12.92
C ILE A 37 -0.08 7.14 12.66
N LYS A 38 0.67 6.16 12.20
CA LYS A 38 0.13 4.84 11.91
C LYS A 38 0.96 3.74 12.57
N LYS A 39 0.30 2.65 12.95
CA LYS A 39 0.99 1.53 13.58
C LYS A 39 1.09 0.34 12.63
N SER A 40 2.05 -0.54 12.88
CA SER A 40 2.26 -1.71 12.05
C SER A 40 1.78 -2.98 12.76
N THR A 41 1.02 -3.80 12.04
CA THR A 41 0.50 -5.04 12.61
C THR A 41 1.60 -6.08 12.76
N GLY A 42 1.37 -7.06 13.63
CA GLY A 42 2.34 -8.10 13.84
C GLY A 42 2.35 -9.14 12.74
N ILE A 43 1.32 -9.98 12.70
CA ILE A 43 1.22 -11.01 11.69
C ILE A 43 0.19 -10.63 10.62
N PRO A 44 0.43 -11.07 9.38
CA PRO A 44 -0.45 -10.79 8.25
C PRO A 44 -1.78 -11.54 8.36
N ARG A 45 -2.03 -12.13 9.52
CA ARG A 45 -3.26 -12.87 9.75
C ARG A 45 -3.95 -12.38 11.02
N SER A 46 -5.20 -11.93 10.87
CA SER A 46 -5.97 -11.44 12.00
C SER A 46 -7.46 -11.60 11.76
N PHE A 47 -8.22 -11.74 12.84
CA PHE A 47 -9.67 -11.91 12.74
C PHE A 47 -10.39 -11.08 13.80
N MET A 48 -11.34 -10.26 13.36
CA MET A 48 -12.10 -9.41 14.26
C MET A 48 -12.65 -10.22 15.43
N MET A 49 -12.81 -11.52 15.22
CA MET A 49 -13.34 -12.40 16.26
C MET A 49 -12.83 -13.83 16.06
N GLU A 50 -11.99 -14.28 16.98
CA GLU A 50 -11.44 -15.64 16.90
C GLU A 50 -12.32 -16.63 17.64
N VAL A 51 -13.54 -16.21 17.96
CA VAL A 51 -14.49 -17.06 18.67
C VAL A 51 -15.26 -17.96 17.71
N LYS A 52 -14.80 -17.99 16.46
CA LYS A 52 -15.44 -18.81 15.44
C LYS A 52 -14.58 -20.01 15.07
N ASP A 53 -13.61 -20.32 15.94
CA ASP A 53 -12.72 -21.45 15.71
C ASP A 53 -12.86 -22.49 16.82
N PRO A 54 -13.58 -23.58 16.52
CA PRO A 54 -13.81 -24.67 17.48
C PRO A 54 -12.55 -25.46 17.76
N ASN A 55 -11.88 -25.89 16.70
CA ASN A 55 -10.65 -26.68 16.84
C ASN A 55 -9.43 -25.77 16.72
ZN ZN B . -3.66 3.27 -0.96
N GLY A 1 7.30 -4.94 1.86
CA GLY A 1 7.32 -3.56 1.42
C GLY A 1 7.44 -3.43 -0.08
N SER A 2 7.66 -2.21 -0.55
CA SER A 2 7.79 -1.96 -1.98
C SER A 2 9.21 -1.51 -2.33
N SER A 3 9.93 -2.35 -3.08
CA SER A 3 11.29 -2.04 -3.48
C SER A 3 11.39 -1.85 -4.98
N GLY A 4 10.63 -2.65 -5.73
CA GLY A 4 10.65 -2.55 -7.18
C GLY A 4 9.28 -2.77 -7.78
N SER A 5 8.39 -1.79 -7.62
CA SER A 5 7.04 -1.89 -8.15
C SER A 5 7.06 -2.07 -9.67
N SER A 6 6.29 -3.04 -10.15
CA SER A 6 6.23 -3.31 -11.59
C SER A 6 5.46 -2.22 -12.32
N GLY A 7 4.21 -2.01 -11.92
CA GLY A 7 3.39 -0.99 -12.54
C GLY A 7 3.03 0.13 -11.60
N TYR A 8 2.06 0.95 -11.98
CA TYR A 8 1.62 2.07 -11.15
C TYR A 8 1.31 1.61 -9.73
N THR A 9 0.96 2.56 -8.87
CA THR A 9 0.65 2.25 -7.49
C THR A 9 -0.09 3.42 -6.82
N CYS A 10 -0.89 3.11 -5.81
CA CYS A 10 -1.65 4.11 -5.09
C CYS A 10 -0.75 5.26 -4.64
N PHE A 11 -0.95 6.43 -5.22
CA PHE A 11 -0.16 7.60 -4.87
C PHE A 11 -0.55 8.14 -3.50
N ARG A 12 -1.57 7.53 -2.91
CA ARG A 12 -2.05 7.95 -1.60
C ARG A 12 -1.18 7.37 -0.48
N CYS A 13 -1.25 6.05 -0.31
CA CYS A 13 -0.47 5.37 0.71
C CYS A 13 0.80 4.76 0.12
N GLY A 14 0.74 4.42 -1.17
CA GLY A 14 1.89 3.84 -1.83
C GLY A 14 1.83 2.32 -1.86
N LYS A 15 0.64 1.78 -2.02
CA LYS A 15 0.45 0.33 -2.06
C LYS A 15 -0.25 -0.09 -3.35
N PRO A 16 0.28 -1.15 -3.98
CA PRO A 16 -0.27 -1.68 -5.23
C PRO A 16 -1.63 -2.35 -5.03
N GLY A 17 -2.22 -2.81 -6.12
CA GLY A 17 -3.52 -3.47 -6.05
C GLY A 17 -4.67 -2.50 -6.19
N HIS A 18 -4.50 -1.29 -5.68
CA HIS A 18 -5.53 -0.27 -5.76
C HIS A 18 -4.95 1.07 -6.21
N TYR A 19 -5.81 2.06 -6.40
CA TYR A 19 -5.38 3.39 -6.84
C TYR A 19 -5.73 4.44 -5.79
N ILE A 20 -5.09 5.60 -5.90
CA ILE A 20 -5.35 6.69 -4.97
C ILE A 20 -6.83 7.02 -4.88
N LYS A 21 -7.58 6.62 -5.91
CA LYS A 21 -9.02 6.86 -5.94
C LYS A 21 -9.77 5.70 -5.31
N ASN A 22 -9.21 4.51 -5.41
CA ASN A 22 -9.83 3.32 -4.84
C ASN A 22 -9.11 2.88 -3.57
N CYS A 23 -8.29 3.76 -3.03
CA CYS A 23 -7.54 3.46 -1.81
C CYS A 23 -8.48 3.35 -0.61
N PRO A 24 -8.25 2.31 0.21
CA PRO A 24 -9.05 2.06 1.40
C PRO A 24 -8.83 3.10 2.49
N THR A 25 -7.56 3.43 2.73
CA THR A 25 -7.21 4.42 3.75
C THR A 25 -8.19 5.59 3.74
N ASN A 26 -8.72 5.91 2.56
CA ASN A 26 -9.67 7.01 2.42
C ASN A 26 -10.81 6.87 3.42
N GLY A 27 -10.75 7.64 4.50
CA GLY A 27 -11.79 7.60 5.51
C GLY A 27 -11.49 6.57 6.58
N ASP A 28 -10.22 6.43 6.93
CA ASP A 28 -9.81 5.48 7.96
C ASP A 28 -9.12 6.20 9.12
N LYS A 29 -9.73 6.14 10.30
CA LYS A 29 -9.17 6.79 11.48
C LYS A 29 -7.74 6.35 11.71
N ASN A 30 -7.41 5.13 11.28
CA ASN A 30 -6.06 4.60 11.43
C ASN A 30 -5.03 5.54 10.82
N PHE A 31 -5.36 6.11 9.67
CA PHE A 31 -4.47 7.03 8.98
C PHE A 31 -4.97 8.47 9.10
N GLU A 32 -4.20 9.40 8.54
CA GLU A 32 -4.57 10.81 8.57
C GLU A 32 -4.67 11.30 10.02
N SER A 33 -3.72 10.87 10.85
CA SER A 33 -3.71 11.28 12.25
C SER A 33 -3.05 12.64 12.42
N GLY A 34 -1.78 12.72 12.05
CA GLY A 34 -1.06 13.98 12.16
C GLY A 34 0.39 13.78 12.57
N PRO A 35 0.91 14.70 13.39
CA PRO A 35 2.30 14.63 13.87
C PRO A 35 2.53 13.48 14.85
N ARG A 36 1.46 13.09 15.54
CA ARG A 36 1.55 12.01 16.51
C ARG A 36 0.37 11.05 16.36
N ILE A 37 0.67 9.77 16.15
CA ILE A 37 -0.36 8.75 16.00
C ILE A 37 -0.55 7.95 17.28
N LYS A 38 -1.75 7.43 17.47
CA LYS A 38 -2.07 6.63 18.65
C LYS A 38 -1.63 5.18 18.47
N LYS A 39 -1.89 4.64 17.28
CA LYS A 39 -1.53 3.26 16.97
C LYS A 39 -0.05 3.15 16.65
N SER A 40 0.64 2.25 17.33
CA SER A 40 2.07 2.04 17.13
C SER A 40 2.33 0.80 16.27
N THR A 41 3.33 0.88 15.41
CA THR A 41 3.68 -0.24 14.54
C THR A 41 4.24 -1.41 15.34
N GLY A 42 3.96 -2.62 14.88
CA GLY A 42 4.43 -3.81 15.55
C GLY A 42 4.82 -4.91 14.60
N ILE A 43 4.59 -6.16 15.00
CA ILE A 43 4.92 -7.30 14.17
C ILE A 43 3.65 -7.94 13.59
N PRO A 44 3.80 -8.58 12.42
CA PRO A 44 2.69 -9.24 11.74
C PRO A 44 2.22 -10.50 12.47
N ARG A 45 0.98 -10.91 12.21
CA ARG A 45 0.41 -12.08 12.84
C ARG A 45 0.68 -12.07 14.35
N SER A 46 0.72 -10.87 14.92
CA SER A 46 0.97 -10.73 16.35
C SER A 46 -0.15 -11.34 17.17
N PHE A 47 -0.01 -11.32 18.49
CA PHE A 47 -1.01 -11.89 19.39
C PHE A 47 -2.15 -10.89 19.62
N MET A 48 -2.16 -9.82 18.83
CA MET A 48 -3.20 -8.80 18.95
C MET A 48 -4.58 -9.41 18.79
N MET A 49 -4.65 -10.56 18.14
CA MET A 49 -5.92 -11.25 17.91
C MET A 49 -6.13 -12.35 18.95
N GLU A 50 -6.99 -12.08 19.92
CA GLU A 50 -7.28 -13.05 20.98
C GLU A 50 -8.63 -13.71 20.75
N VAL A 51 -9.15 -13.60 19.53
CA VAL A 51 -10.43 -14.19 19.18
C VAL A 51 -10.29 -15.19 18.04
N LYS A 52 -11.00 -16.31 18.15
CA LYS A 52 -10.96 -17.35 17.13
C LYS A 52 -12.27 -18.11 17.08
N ASP A 53 -12.59 -18.63 15.90
CA ASP A 53 -13.83 -19.39 15.70
C ASP A 53 -13.72 -20.78 16.33
N PRO A 54 -14.77 -21.21 17.03
CA PRO A 54 -14.82 -22.51 17.69
C PRO A 54 -14.90 -23.66 16.69
N ASN A 55 -15.85 -23.57 15.76
CA ASN A 55 -16.02 -24.60 14.75
C ASN A 55 -16.87 -24.08 13.58
ZN ZN B . -3.57 3.37 -0.88
N GLY A 1 14.79 6.38 -11.71
CA GLY A 1 13.43 5.94 -11.54
C GLY A 1 13.00 4.95 -12.59
N SER A 2 12.07 4.06 -12.24
CA SER A 2 11.58 3.06 -13.16
C SER A 2 10.54 3.66 -14.11
N SER A 3 10.34 3.00 -15.25
CA SER A 3 9.37 3.47 -16.24
C SER A 3 9.03 2.37 -17.23
N GLY A 4 7.91 2.53 -17.94
CA GLY A 4 7.48 1.55 -18.91
C GLY A 4 7.00 0.27 -18.25
N SER A 5 7.88 -0.73 -18.15
CA SER A 5 7.53 -2.00 -17.54
C SER A 5 6.68 -1.80 -16.29
N SER A 6 7.09 -0.83 -15.47
CA SER A 6 6.38 -0.53 -14.23
C SER A 6 5.00 0.04 -14.52
N GLY A 7 3.97 -0.55 -13.91
CA GLY A 7 2.61 -0.09 -14.12
C GLY A 7 2.31 1.16 -13.31
N TYR A 8 1.69 0.98 -12.15
CA TYR A 8 1.33 2.10 -11.29
C TYR A 8 1.04 1.62 -9.87
N THR A 9 0.87 2.58 -8.96
CA THR A 9 0.58 2.26 -7.57
C THR A 9 -0.15 3.41 -6.87
N CYS A 10 -0.94 3.08 -5.86
CA CYS A 10 -1.70 4.08 -5.13
C CYS A 10 -0.77 5.19 -4.63
N PHE A 11 -0.95 6.38 -5.16
CA PHE A 11 -0.13 7.53 -4.77
C PHE A 11 -0.57 8.07 -3.42
N ARG A 12 -1.63 7.48 -2.86
CA ARG A 12 -2.15 7.91 -1.56
C ARG A 12 -1.30 7.34 -0.42
N CYS A 13 -1.33 6.02 -0.28
CA CYS A 13 -0.57 5.36 0.77
C CYS A 13 0.73 4.76 0.22
N GLY A 14 0.69 4.36 -1.05
CA GLY A 14 1.86 3.78 -1.68
C GLY A 14 1.80 2.27 -1.73
N LYS A 15 0.62 1.73 -2.01
CA LYS A 15 0.44 0.29 -2.09
C LYS A 15 -0.22 -0.10 -3.41
N PRO A 16 0.30 -1.16 -4.04
CA PRO A 16 -0.23 -1.66 -5.31
C PRO A 16 -1.60 -2.31 -5.16
N GLY A 17 -2.12 -2.84 -6.26
CA GLY A 17 -3.42 -3.49 -6.23
C GLY A 17 -4.56 -2.50 -6.41
N HIS A 18 -4.42 -1.32 -5.82
CA HIS A 18 -5.44 -0.28 -5.91
C HIS A 18 -4.82 1.06 -6.29
N TYR A 19 -5.67 2.07 -6.46
CA TYR A 19 -5.22 3.39 -6.83
C TYR A 19 -5.59 4.42 -5.76
N ILE A 20 -5.14 5.65 -5.95
CA ILE A 20 -5.42 6.72 -5.00
C ILE A 20 -6.93 6.99 -4.91
N LYS A 21 -7.65 6.56 -5.93
CA LYS A 21 -9.10 6.75 -5.97
C LYS A 21 -9.82 5.59 -5.29
N ASN A 22 -9.24 4.39 -5.40
CA ASN A 22 -9.82 3.20 -4.80
C ASN A 22 -9.08 2.81 -3.52
N CYS A 23 -8.31 3.75 -2.99
CA CYS A 23 -7.54 3.51 -1.77
C CYS A 23 -8.47 3.40 -0.56
N PRO A 24 -8.22 2.40 0.29
CA PRO A 24 -9.02 2.16 1.50
C PRO A 24 -8.80 3.25 2.56
N THR A 25 -7.54 3.57 2.82
CA THR A 25 -7.20 4.58 3.81
C THR A 25 -8.19 5.73 3.77
N ASN A 26 -8.70 6.04 2.58
CA ASN A 26 -9.65 7.12 2.40
C ASN A 26 -10.71 7.10 3.51
N GLY A 27 -11.25 5.92 3.79
CA GLY A 27 -12.25 5.79 4.82
C GLY A 27 -11.65 5.61 6.20
N ASP A 28 -10.55 4.86 6.27
CA ASP A 28 -9.88 4.61 7.54
C ASP A 28 -9.27 5.90 8.09
N LYS A 29 -9.79 6.36 9.23
CA LYS A 29 -9.30 7.57 9.86
C LYS A 29 -8.05 7.29 10.69
N ASN A 30 -7.20 8.31 10.84
CA ASN A 30 -5.97 8.17 11.60
C ASN A 30 -5.01 7.20 10.92
N PHE A 31 -4.90 7.32 9.61
CA PHE A 31 -4.02 6.45 8.83
C PHE A 31 -3.38 7.22 7.68
N GLU A 32 -2.09 7.51 7.79
CA GLU A 32 -1.36 8.23 6.76
C GLU A 32 -0.69 7.27 5.79
N SER A 33 -0.12 6.19 6.33
CA SER A 33 0.56 5.21 5.50
C SER A 33 0.87 3.94 6.32
N GLY A 34 1.43 2.94 5.65
CA GLY A 34 1.77 1.70 6.33
C GLY A 34 3.16 1.72 6.92
N PRO A 35 3.68 0.53 7.24
CA PRO A 35 5.02 0.38 7.83
C PRO A 35 6.13 0.70 6.82
N ARG A 36 7.28 1.13 7.33
CA ARG A 36 8.42 1.48 6.49
C ARG A 36 9.06 0.22 5.92
N ILE A 37 9.29 0.22 4.61
CA ILE A 37 9.91 -0.92 3.94
C ILE A 37 11.40 -0.68 3.73
N LYS A 38 12.20 -1.72 3.97
CA LYS A 38 13.64 -1.63 3.81
C LYS A 38 14.02 -1.62 2.33
N LYS A 39 13.69 -2.70 1.64
CA LYS A 39 14.00 -2.82 0.22
C LYS A 39 15.50 -2.68 -0.04
N SER A 40 16.30 -3.22 0.88
CA SER A 40 17.74 -3.15 0.75
C SER A 40 18.33 -4.51 0.37
N THR A 41 17.74 -5.57 0.91
CA THR A 41 18.19 -6.92 0.63
C THR A 41 17.04 -7.92 0.71
N GLY A 42 17.03 -8.88 -0.21
CA GLY A 42 15.98 -9.88 -0.21
C GLY A 42 15.01 -9.69 -1.37
N ILE A 43 15.16 -10.51 -2.41
CA ILE A 43 14.29 -10.42 -3.58
C ILE A 43 12.91 -10.97 -3.27
N PRO A 44 11.89 -10.44 -3.97
CA PRO A 44 10.50 -10.87 -3.78
C PRO A 44 10.25 -12.28 -4.32
N ARG A 45 10.70 -12.53 -5.55
CA ARG A 45 10.53 -13.83 -6.16
C ARG A 45 11.42 -13.97 -7.40
N SER A 46 11.73 -15.20 -7.77
CA SER A 46 12.58 -15.48 -8.93
C SER A 46 12.22 -16.82 -9.56
N PHE A 47 11.77 -16.78 -10.80
CA PHE A 47 11.39 -17.99 -11.52
C PHE A 47 12.63 -18.81 -11.88
N MET A 48 12.45 -20.12 -12.02
CA MET A 48 13.54 -21.02 -12.36
C MET A 48 13.12 -22.00 -13.45
N MET A 49 14.02 -22.24 -14.39
CA MET A 49 13.74 -23.16 -15.49
C MET A 49 15.04 -23.73 -16.07
N GLU A 50 14.96 -24.92 -16.66
CA GLU A 50 16.13 -25.56 -17.25
C GLU A 50 16.46 -24.95 -18.62
N VAL A 51 15.75 -23.87 -18.96
CA VAL A 51 15.96 -23.19 -20.23
C VAL A 51 16.81 -21.93 -20.05
N LYS A 52 17.21 -21.67 -18.80
CA LYS A 52 18.03 -20.51 -18.49
C LYS A 52 19.31 -20.50 -19.32
N ASP A 53 19.77 -21.69 -19.69
CA ASP A 53 20.99 -21.83 -20.49
C ASP A 53 20.79 -22.85 -21.60
N PRO A 54 20.71 -22.36 -22.85
CA PRO A 54 20.52 -23.21 -24.03
C PRO A 54 21.76 -24.04 -24.34
N ASN A 55 22.77 -23.93 -23.49
CA ASN A 55 24.02 -24.67 -23.67
C ASN A 55 23.74 -26.17 -23.78
ZN ZN B . -3.63 3.28 -0.94
N GLY A 1 0.52 -5.32 -17.24
CA GLY A 1 1.81 -5.76 -17.73
C GLY A 1 2.27 -4.95 -18.93
N SER A 2 1.55 -5.08 -20.05
CA SER A 2 1.89 -4.36 -21.27
C SER A 2 1.72 -2.86 -21.08
N SER A 3 0.63 -2.47 -20.45
CA SER A 3 0.35 -1.05 -20.20
C SER A 3 1.53 -0.38 -19.51
N GLY A 4 2.04 -1.03 -18.46
CA GLY A 4 3.17 -0.46 -17.74
C GLY A 4 4.16 -1.52 -17.30
N SER A 5 5.44 -1.30 -17.58
CA SER A 5 6.48 -2.25 -17.22
C SER A 5 6.76 -2.21 -15.71
N SER A 6 6.85 -1.00 -15.16
CA SER A 6 7.11 -0.82 -13.74
C SER A 6 5.88 -1.19 -12.92
N GLY A 7 4.74 -0.60 -13.28
CA GLY A 7 3.51 -0.88 -12.55
C GLY A 7 3.13 0.24 -11.62
N TYR A 8 2.08 0.97 -11.98
CA TYR A 8 1.62 2.09 -11.16
C TYR A 8 1.28 1.63 -9.75
N THR A 9 1.06 2.58 -8.85
CA THR A 9 0.75 2.28 -7.46
C THR A 9 0.00 3.43 -6.81
N CYS A 10 -0.81 3.11 -5.80
CA CYS A 10 -1.59 4.12 -5.08
C CYS A 10 -0.69 5.24 -4.58
N PHE A 11 -0.88 6.43 -5.11
CA PHE A 11 -0.09 7.60 -4.72
C PHE A 11 -0.53 8.11 -3.35
N ARG A 12 -1.59 7.53 -2.82
CA ARG A 12 -2.12 7.93 -1.52
C ARG A 12 -1.28 7.34 -0.39
N CYS A 13 -1.36 6.02 -0.24
CA CYS A 13 -0.61 5.33 0.81
C CYS A 13 0.68 4.73 0.25
N GLY A 14 0.64 4.32 -1.02
CA GLY A 14 1.81 3.74 -1.65
C GLY A 14 1.72 2.23 -1.74
N LYS A 15 0.53 1.71 -1.96
CA LYS A 15 0.32 0.27 -2.07
C LYS A 15 -0.32 -0.09 -3.41
N PRO A 16 0.23 -1.11 -4.08
CA PRO A 16 -0.27 -1.57 -5.37
C PRO A 16 -1.64 -2.26 -5.25
N GLY A 17 -2.11 -2.81 -6.37
CA GLY A 17 -3.40 -3.48 -6.36
C GLY A 17 -4.56 -2.53 -6.49
N HIS A 18 -4.40 -1.32 -5.94
CA HIS A 18 -5.45 -0.30 -6.00
C HIS A 18 -4.86 1.07 -6.31
N TYR A 19 -5.72 2.00 -6.70
CA TYR A 19 -5.29 3.36 -7.02
C TYR A 19 -5.70 4.34 -5.93
N ILE A 20 -5.20 5.56 -6.03
CA ILE A 20 -5.51 6.60 -5.05
C ILE A 20 -7.01 6.89 -5.02
N LYS A 21 -7.72 6.41 -6.04
CA LYS A 21 -9.16 6.62 -6.13
C LYS A 21 -9.91 5.51 -5.40
N ASN A 22 -9.30 4.33 -5.31
CA ASN A 22 -9.91 3.20 -4.64
C ASN A 22 -9.15 2.85 -3.36
N CYS A 23 -8.31 3.78 -2.90
CA CYS A 23 -7.53 3.56 -1.69
C CYS A 23 -8.44 3.41 -0.47
N PRO A 24 -8.14 2.40 0.37
CA PRO A 24 -8.92 2.13 1.58
C PRO A 24 -8.74 3.20 2.64
N THR A 25 -7.49 3.61 2.86
CA THR A 25 -7.19 4.64 3.85
C THR A 25 -8.17 5.79 3.78
N ASN A 26 -8.66 6.08 2.57
CA ASN A 26 -9.61 7.16 2.36
C ASN A 26 -10.55 7.30 3.56
N GLY A 27 -11.34 6.26 3.81
CA GLY A 27 -12.26 6.29 4.93
C GLY A 27 -11.59 6.01 6.25
N ASP A 28 -10.41 6.60 6.45
CA ASP A 28 -9.66 6.41 7.68
C ASP A 28 -8.74 7.59 7.95
N LYS A 29 -8.59 7.95 9.22
CA LYS A 29 -7.74 9.06 9.60
C LYS A 29 -6.60 8.59 10.51
N ASN A 30 -6.34 7.28 10.49
CA ASN A 30 -5.28 6.71 11.31
C ASN A 30 -4.10 6.28 10.43
N PHE A 31 -4.25 6.42 9.12
CA PHE A 31 -3.21 6.04 8.18
C PHE A 31 -2.16 7.15 8.06
N GLU A 32 -0.93 6.83 8.44
CA GLU A 32 0.16 7.80 8.38
C GLU A 32 1.49 7.10 8.10
N SER A 33 2.46 7.87 7.61
CA SER A 33 3.78 7.33 7.29
C SER A 33 4.77 7.61 8.41
N GLY A 34 5.26 6.55 9.04
CA GLY A 34 6.21 6.71 10.12
C GLY A 34 7.63 6.40 9.70
N PRO A 35 8.43 5.84 10.63
CA PRO A 35 9.82 5.48 10.37
C PRO A 35 9.95 4.29 9.42
N ARG A 36 8.93 3.44 9.41
CA ARG A 36 8.93 2.27 8.54
C ARG A 36 8.20 2.57 7.23
N ILE A 37 8.70 2.00 6.13
CA ILE A 37 8.09 2.20 4.83
C ILE A 37 7.29 0.98 4.41
N LYS A 38 7.68 -0.19 4.90
CA LYS A 38 6.99 -1.43 4.58
C LYS A 38 5.91 -1.73 5.62
N LYS A 39 4.97 -2.60 5.25
CA LYS A 39 3.88 -2.97 6.15
C LYS A 39 4.35 -2.98 7.60
N SER A 40 5.21 -3.95 7.94
CA SER A 40 5.73 -4.07 9.29
C SER A 40 4.59 -4.20 10.30
N THR A 41 3.51 -4.84 9.87
CA THR A 41 2.36 -5.05 10.75
C THR A 41 2.38 -6.44 11.37
N GLY A 42 2.78 -7.43 10.59
CA GLY A 42 2.84 -8.80 11.08
C GLY A 42 3.29 -8.86 12.53
N ILE A 43 2.38 -9.23 13.42
CA ILE A 43 2.68 -9.33 14.84
C ILE A 43 3.71 -10.43 15.10
N PRO A 44 4.50 -10.26 16.16
CA PRO A 44 5.53 -11.24 16.55
C PRO A 44 4.94 -12.54 17.07
N ARG A 45 4.59 -13.44 16.14
CA ARG A 45 4.01 -14.72 16.50
C ARG A 45 4.38 -15.79 15.48
N SER A 46 4.93 -16.90 15.97
CA SER A 46 5.34 -18.00 15.09
C SER A 46 4.37 -19.17 15.22
N PHE A 47 3.89 -19.40 16.43
CA PHE A 47 2.96 -20.49 16.69
C PHE A 47 1.73 -20.40 15.78
N MET A 48 1.64 -21.30 14.82
CA MET A 48 0.51 -21.32 13.89
C MET A 48 0.23 -22.73 13.39
N MET A 49 -1.04 -23.13 13.45
CA MET A 49 -1.43 -24.46 13.00
C MET A 49 -2.84 -24.43 12.42
N GLU A 50 -2.97 -24.89 11.17
CA GLU A 50 -4.27 -24.92 10.50
C GLU A 50 -4.76 -26.36 10.35
N VAL A 51 -4.14 -27.27 11.08
CA VAL A 51 -4.52 -28.68 11.02
C VAL A 51 -4.84 -29.22 12.41
N LYS A 52 -5.78 -30.16 12.47
CA LYS A 52 -6.19 -30.75 13.73
C LYS A 52 -6.31 -32.27 13.60
N ASP A 53 -5.53 -32.99 14.38
CA ASP A 53 -5.55 -34.46 14.35
C ASP A 53 -5.08 -35.03 15.68
N PRO A 54 -5.52 -36.27 15.97
CA PRO A 54 -5.15 -36.96 17.22
C PRO A 54 -3.69 -37.37 17.25
N ASN A 55 -3.06 -37.35 16.07
CA ASN A 55 -1.64 -37.72 15.96
C ASN A 55 -0.84 -36.60 15.33
ZN ZN B . -3.71 3.28 -0.98
N GLY A 1 12.26 6.10 -15.15
CA GLY A 1 11.51 7.34 -15.27
C GLY A 1 11.23 7.98 -13.92
N SER A 2 10.25 8.88 -13.88
CA SER A 2 9.89 9.57 -12.66
C SER A 2 9.59 8.57 -11.54
N SER A 3 8.69 7.64 -11.81
CA SER A 3 8.31 6.63 -10.84
C SER A 3 9.26 5.44 -10.89
N GLY A 4 9.10 4.51 -9.95
CA GLY A 4 9.96 3.33 -9.91
C GLY A 4 9.87 2.51 -11.18
N SER A 5 8.74 1.82 -11.37
CA SER A 5 8.54 1.00 -12.54
C SER A 5 7.19 1.30 -13.20
N SER A 6 6.99 0.78 -14.40
CA SER A 6 5.75 0.99 -15.14
C SER A 6 4.54 0.69 -14.26
N GLY A 7 4.62 -0.41 -13.51
CA GLY A 7 3.53 -0.79 -12.64
C GLY A 7 3.14 0.31 -11.67
N TYR A 8 2.12 1.08 -12.03
CA TYR A 8 1.66 2.18 -11.19
C TYR A 8 1.34 1.70 -9.78
N THR A 9 0.99 2.62 -8.90
CA THR A 9 0.65 2.29 -7.53
C THR A 9 -0.08 3.44 -6.85
N CYS A 10 -0.85 3.11 -5.80
CA CYS A 10 -1.60 4.12 -5.07
C CYS A 10 -0.69 5.23 -4.58
N PHE A 11 -0.89 6.43 -5.12
CA PHE A 11 -0.08 7.59 -4.75
C PHE A 11 -0.50 8.12 -3.38
N ARG A 12 -1.57 7.54 -2.83
CA ARG A 12 -2.06 7.95 -1.53
C ARG A 12 -1.22 7.36 -0.40
N CYS A 13 -1.26 6.04 -0.26
CA CYS A 13 -0.50 5.35 0.77
C CYS A 13 0.77 4.75 0.20
N GLY A 14 0.70 4.30 -1.06
CA GLY A 14 1.85 3.71 -1.70
C GLY A 14 1.78 2.20 -1.76
N LYS A 15 0.59 1.68 -2.02
CA LYS A 15 0.38 0.23 -2.10
C LYS A 15 -0.29 -0.15 -3.41
N PRO A 16 0.26 -1.17 -4.09
CA PRO A 16 -0.27 -1.66 -5.36
C PRO A 16 -1.61 -2.36 -5.20
N GLY A 17 -2.18 -2.80 -6.33
CA GLY A 17 -3.46 -3.49 -6.28
C GLY A 17 -4.63 -2.53 -6.34
N HIS A 18 -4.40 -1.29 -5.92
CA HIS A 18 -5.45 -0.27 -5.93
C HIS A 18 -4.86 1.11 -6.22
N TYR A 19 -5.72 2.02 -6.67
CA TYR A 19 -5.29 3.37 -7.00
C TYR A 19 -5.65 4.35 -5.89
N ILE A 20 -5.18 5.58 -6.01
CA ILE A 20 -5.46 6.60 -5.00
C ILE A 20 -6.96 6.89 -4.92
N LYS A 21 -7.69 6.50 -5.96
CA LYS A 21 -9.13 6.71 -6.00
C LYS A 21 -9.86 5.58 -5.29
N ASN A 22 -9.27 4.39 -5.30
CA ASN A 22 -9.87 3.23 -4.65
C ASN A 22 -9.10 2.85 -3.39
N CYS A 23 -8.31 3.78 -2.89
CA CYS A 23 -7.52 3.54 -1.68
C CYS A 23 -8.42 3.41 -0.46
N PRO A 24 -8.14 2.39 0.38
CA PRO A 24 -8.91 2.13 1.59
C PRO A 24 -8.70 3.21 2.66
N THR A 25 -7.47 3.73 2.73
CA THR A 25 -7.14 4.77 3.70
C THR A 25 -8.13 5.92 3.64
N ASN A 26 -8.89 5.99 2.56
CA ASN A 26 -9.88 7.04 2.37
C ASN A 26 -11.01 6.90 3.39
N GLY A 27 -11.44 8.02 3.95
CA GLY A 27 -12.51 8.01 4.93
C GLY A 27 -12.18 7.16 6.15
N ASP A 28 -10.90 7.10 6.49
CA ASP A 28 -10.45 6.32 7.64
C ASP A 28 -9.83 7.22 8.70
N LYS A 29 -9.53 6.66 9.86
CA LYS A 29 -8.93 7.40 10.95
C LYS A 29 -7.43 7.49 10.79
N ASN A 30 -6.78 8.20 11.72
CA ASN A 30 -5.33 8.36 11.68
C ASN A 30 -4.63 7.01 11.55
N PHE A 31 -4.08 6.74 10.37
CA PHE A 31 -3.39 5.48 10.12
C PHE A 31 -1.88 5.66 10.26
N GLU A 32 -1.28 4.87 11.16
CA GLU A 32 0.15 4.94 11.39
C GLU A 32 0.87 3.77 10.74
N SER A 33 1.64 4.05 9.70
CA SER A 33 2.38 3.01 8.98
C SER A 33 3.46 2.40 9.87
N GLY A 34 3.91 1.20 9.52
CA GLY A 34 4.94 0.53 10.29
C GLY A 34 5.04 -0.95 9.96
N PRO A 35 4.56 -1.80 10.89
CA PRO A 35 4.59 -3.25 10.71
C PRO A 35 3.62 -3.73 9.64
N ARG A 36 3.76 -4.98 9.23
CA ARG A 36 2.90 -5.56 8.21
C ARG A 36 1.66 -6.20 8.84
N ILE A 37 0.54 -6.13 8.14
CA ILE A 37 -0.71 -6.70 8.63
C ILE A 37 -1.21 -7.81 7.70
N LYS A 38 -1.68 -8.90 8.30
CA LYS A 38 -2.20 -10.03 7.53
C LYS A 38 -3.59 -9.73 7.01
N LYS A 39 -3.72 -9.65 5.68
CA LYS A 39 -5.01 -9.37 5.06
C LYS A 39 -5.45 -10.54 4.17
N SER A 40 -6.52 -11.21 4.57
CA SER A 40 -7.04 -12.34 3.81
C SER A 40 -8.30 -11.96 3.04
N THR A 41 -8.20 -11.98 1.71
CA THR A 41 -9.33 -11.63 0.85
C THR A 41 -10.64 -12.18 1.42
N GLY A 42 -10.56 -13.35 2.04
CA GLY A 42 -11.75 -13.96 2.63
C GLY A 42 -12.23 -15.15 1.82
N ILE A 43 -13.38 -15.00 1.17
CA ILE A 43 -13.95 -16.07 0.37
C ILE A 43 -13.75 -15.81 -1.12
N PRO A 44 -13.67 -16.89 -1.91
CA PRO A 44 -13.48 -16.80 -3.36
C PRO A 44 -14.72 -16.27 -4.07
N ARG A 45 -15.89 -16.74 -3.66
CA ARG A 45 -17.15 -16.30 -4.25
C ARG A 45 -18.34 -16.75 -3.41
N SER A 46 -19.49 -16.16 -3.67
CA SER A 46 -20.71 -16.50 -2.93
C SER A 46 -21.60 -17.42 -3.75
N PHE A 47 -22.33 -18.29 -3.06
CA PHE A 47 -23.23 -19.23 -3.71
C PHE A 47 -24.57 -19.31 -2.98
N MET A 48 -25.66 -19.18 -3.73
CA MET A 48 -27.00 -19.25 -3.15
C MET A 48 -27.65 -20.61 -3.42
N MET A 49 -27.84 -21.38 -2.36
CA MET A 49 -28.45 -22.70 -2.47
C MET A 49 -29.96 -22.61 -2.33
N GLU A 50 -30.67 -23.29 -3.24
CA GLU A 50 -32.13 -23.28 -3.22
C GLU A 50 -32.66 -24.31 -2.21
N VAL A 51 -31.80 -24.74 -1.30
CA VAL A 51 -32.17 -25.72 -0.30
C VAL A 51 -33.17 -25.13 0.70
N LYS A 52 -34.18 -25.92 1.06
CA LYS A 52 -35.20 -25.46 2.01
C LYS A 52 -34.73 -25.67 3.45
N ASP A 53 -35.04 -24.71 4.31
CA ASP A 53 -34.66 -24.79 5.72
C ASP A 53 -35.72 -25.52 6.52
N PRO A 54 -35.28 -26.57 7.25
CA PRO A 54 -36.17 -27.38 8.07
C PRO A 54 -36.68 -26.62 9.30
N ASN A 55 -36.30 -25.35 9.40
CA ASN A 55 -36.71 -24.52 10.52
C ASN A 55 -38.23 -24.44 10.61
ZN ZN B . -3.65 3.27 -0.93
N GLY A 1 13.98 -5.16 -19.69
CA GLY A 1 12.95 -6.15 -19.97
C GLY A 1 11.95 -5.67 -20.99
N SER A 2 10.68 -5.63 -20.60
CA SER A 2 9.62 -5.19 -21.50
C SER A 2 9.70 -3.68 -21.74
N SER A 3 9.15 -3.25 -22.87
CA SER A 3 9.16 -1.84 -23.23
C SER A 3 7.88 -1.15 -22.75
N GLY A 4 8.01 0.12 -22.37
CA GLY A 4 6.86 0.86 -21.90
C GLY A 4 6.89 1.09 -20.40
N SER A 5 5.71 1.03 -19.78
CA SER A 5 5.60 1.24 -18.33
C SER A 5 5.20 -0.05 -17.63
N SER A 6 5.86 -0.34 -16.51
CA SER A 6 5.59 -1.55 -15.74
C SER A 6 4.16 -1.56 -15.24
N GLY A 7 3.72 -0.42 -14.67
CA GLY A 7 2.37 -0.32 -14.15
C GLY A 7 2.15 0.95 -13.37
N TYR A 8 1.60 0.81 -12.16
CA TYR A 8 1.34 1.98 -11.31
C TYR A 8 1.01 1.54 -9.88
N THR A 9 1.04 2.49 -8.96
CA THR A 9 0.76 2.20 -7.56
C THR A 9 0.04 3.38 -6.90
N CYS A 10 -0.75 3.07 -5.87
CA CYS A 10 -1.50 4.09 -5.16
C CYS A 10 -0.57 5.22 -4.70
N PHE A 11 -0.81 6.42 -5.21
CA PHE A 11 0.01 7.57 -4.85
C PHE A 11 -0.44 8.16 -3.52
N ARG A 12 -1.44 7.53 -2.91
CA ARG A 12 -1.96 7.99 -1.63
C ARG A 12 -1.14 7.42 -0.47
N CYS A 13 -1.18 6.10 -0.31
CA CYS A 13 -0.44 5.44 0.75
C CYS A 13 0.85 4.82 0.21
N GLY A 14 0.80 4.38 -1.04
CA GLY A 14 1.97 3.77 -1.65
C GLY A 14 1.87 2.25 -1.71
N LYS A 15 0.67 1.75 -1.98
CA LYS A 15 0.44 0.32 -2.06
C LYS A 15 -0.24 -0.06 -3.37
N PRO A 16 0.31 -1.06 -4.07
CA PRO A 16 -0.24 -1.53 -5.34
C PRO A 16 -1.57 -2.26 -5.17
N GLY A 17 -2.12 -2.75 -6.27
CA GLY A 17 -3.38 -3.45 -6.22
C GLY A 17 -4.57 -2.53 -6.35
N HIS A 18 -4.45 -1.32 -5.78
CA HIS A 18 -5.52 -0.34 -5.84
C HIS A 18 -4.98 1.03 -6.23
N TYR A 19 -5.88 1.93 -6.60
CA TYR A 19 -5.49 3.28 -7.00
C TYR A 19 -5.86 4.30 -5.92
N ILE A 20 -5.19 5.45 -5.96
CA ILE A 20 -5.43 6.50 -4.99
C ILE A 20 -6.93 6.79 -4.85
N LYS A 21 -7.66 6.60 -5.94
CA LYS A 21 -9.09 6.83 -5.95
C LYS A 21 -9.83 5.68 -5.27
N ASN A 22 -9.31 4.47 -5.42
CA ASN A 22 -9.92 3.29 -4.82
C ASN A 22 -9.18 2.88 -3.54
N CYS A 23 -8.41 3.81 -3.00
CA CYS A 23 -7.66 3.55 -1.77
C CYS A 23 -8.58 3.43 -0.57
N PRO A 24 -8.35 2.40 0.26
CA PRO A 24 -9.15 2.15 1.45
C PRO A 24 -8.93 3.20 2.53
N THR A 25 -7.65 3.51 2.80
CA THR A 25 -7.31 4.50 3.81
C THR A 25 -8.35 5.61 3.88
N ASN A 26 -8.85 6.03 2.72
CA ASN A 26 -9.85 7.08 2.65
C ASN A 26 -10.77 7.04 3.86
N GLY A 27 -11.35 5.87 4.12
CA GLY A 27 -12.25 5.72 5.25
C GLY A 27 -11.53 5.24 6.50
N ASP A 28 -10.38 5.84 6.79
CA ASP A 28 -9.61 5.47 7.96
C ASP A 28 -9.52 6.62 8.96
N LYS A 29 -8.88 6.38 10.10
CA LYS A 29 -8.73 7.40 11.12
C LYS A 29 -7.36 7.32 11.77
N ASN A 30 -6.72 8.48 11.95
CA ASN A 30 -5.40 8.54 12.56
C ASN A 30 -4.42 7.66 11.81
N PHE A 31 -4.51 7.66 10.49
CA PHE A 31 -3.63 6.86 9.65
C PHE A 31 -3.39 7.53 8.30
N GLU A 32 -2.21 8.10 8.13
CA GLU A 32 -1.86 8.78 6.88
C GLU A 32 -1.06 7.86 5.98
N SER A 33 0.14 7.47 6.43
CA SER A 33 0.99 6.60 5.66
C SER A 33 1.21 5.27 6.37
N GLY A 34 1.31 5.33 7.70
CA GLY A 34 1.52 4.12 8.47
C GLY A 34 2.91 3.56 8.33
N PRO A 35 3.34 2.74 9.30
CA PRO A 35 4.67 2.11 9.30
C PRO A 35 4.80 1.05 8.20
N ARG A 36 5.87 1.16 7.42
CA ARG A 36 6.11 0.21 6.34
C ARG A 36 6.79 -1.05 6.87
N ILE A 37 6.45 -2.19 6.28
CA ILE A 37 7.02 -3.47 6.71
C ILE A 37 8.25 -3.82 5.86
N LYS A 38 9.18 -4.54 6.45
CA LYS A 38 10.39 -4.96 5.76
C LYS A 38 10.15 -6.21 4.93
N LYS A 39 9.59 -7.24 5.58
CA LYS A 39 9.30 -8.50 4.90
C LYS A 39 8.36 -8.28 3.71
N SER A 40 8.89 -8.48 2.51
CA SER A 40 8.09 -8.30 1.29
C SER A 40 6.99 -9.34 1.21
N THR A 41 5.74 -8.88 1.25
CA THR A 41 4.59 -9.78 1.18
C THR A 41 4.34 -10.22 -0.25
N GLY A 42 4.29 -9.26 -1.17
CA GLY A 42 4.04 -9.56 -2.56
C GLY A 42 2.57 -9.64 -2.90
N ILE A 43 2.02 -10.86 -2.89
CA ILE A 43 0.61 -11.06 -3.18
C ILE A 43 -0.27 -10.62 -2.02
N PRO A 44 -1.46 -10.11 -2.34
CA PRO A 44 -2.43 -9.65 -1.34
C PRO A 44 -3.03 -10.80 -0.53
N ARG A 45 -4.03 -10.49 0.28
CA ARG A 45 -4.68 -11.49 1.11
C ARG A 45 -4.72 -12.84 0.39
N SER A 46 -4.95 -12.82 -0.92
CA SER A 46 -5.01 -14.03 -1.71
C SER A 46 -4.11 -13.93 -2.94
N PHE A 47 -3.41 -15.01 -3.26
CA PHE A 47 -2.52 -15.04 -4.41
C PHE A 47 -3.31 -15.23 -5.71
N MET A 48 -4.22 -16.20 -5.70
CA MET A 48 -5.05 -16.48 -6.87
C MET A 48 -6.23 -15.53 -6.95
N MET A 49 -6.43 -14.92 -8.11
CA MET A 49 -7.54 -13.99 -8.31
C MET A 49 -8.64 -14.63 -9.13
N GLU A 50 -9.69 -13.87 -9.40
CA GLU A 50 -10.83 -14.35 -10.18
C GLU A 50 -11.58 -15.44 -9.43
N VAL A 51 -11.60 -15.32 -8.09
CA VAL A 51 -12.29 -16.29 -7.25
C VAL A 51 -13.79 -16.31 -7.55
N LYS A 52 -14.33 -17.50 -7.76
CA LYS A 52 -15.74 -17.67 -8.06
C LYS A 52 -16.60 -17.23 -6.88
N ASP A 53 -17.91 -17.13 -7.10
CA ASP A 53 -18.83 -16.72 -6.04
C ASP A 53 -19.94 -17.76 -5.87
N PRO A 54 -20.44 -17.87 -4.63
CA PRO A 54 -21.52 -18.82 -4.30
C PRO A 54 -22.85 -18.42 -4.92
N ASN A 55 -23.11 -17.12 -4.97
CA ASN A 55 -24.36 -16.61 -5.53
C ASN A 55 -24.19 -16.28 -7.01
ZN ZN B . -3.57 3.36 -1.01
N GLY A 1 10.39 4.19 -14.65
CA GLY A 1 10.13 3.85 -13.28
C GLY A 1 11.17 2.90 -12.71
N SER A 2 10.98 1.60 -12.93
CA SER A 2 11.91 0.60 -12.43
C SER A 2 12.19 -0.46 -13.50
N SER A 3 13.08 -1.38 -13.18
CA SER A 3 13.46 -2.44 -14.12
C SER A 3 12.86 -3.78 -13.69
N GLY A 4 11.86 -4.24 -14.43
CA GLY A 4 11.21 -5.50 -14.11
C GLY A 4 9.75 -5.52 -14.49
N SER A 5 8.94 -4.76 -13.76
CA SER A 5 7.50 -4.70 -14.02
C SER A 5 6.97 -3.29 -13.79
N SER A 6 6.66 -2.60 -14.89
CA SER A 6 6.15 -1.24 -14.81
C SER A 6 4.64 -1.24 -14.55
N GLY A 7 4.07 -0.04 -14.40
CA GLY A 7 2.64 0.06 -14.16
C GLY A 7 2.29 1.30 -13.35
N TYR A 8 1.69 1.10 -12.18
CA TYR A 8 1.30 2.20 -11.32
C TYR A 8 1.01 1.71 -9.90
N THR A 9 0.87 2.66 -8.98
CA THR A 9 0.60 2.32 -7.58
C THR A 9 -0.15 3.45 -6.89
N CYS A 10 -0.89 3.11 -5.84
CA CYS A 10 -1.65 4.09 -5.08
C CYS A 10 -0.74 5.22 -4.59
N PHE A 11 -0.94 6.41 -5.16
CA PHE A 11 -0.14 7.57 -4.78
C PHE A 11 -0.60 8.14 -3.44
N ARG A 12 -1.60 7.49 -2.85
CA ARG A 12 -2.13 7.93 -1.57
C ARG A 12 -1.32 7.35 -0.41
N CYS A 13 -1.31 6.04 -0.31
CA CYS A 13 -0.57 5.36 0.76
C CYS A 13 0.73 4.74 0.22
N GLY A 14 0.70 4.32 -1.04
CA GLY A 14 1.87 3.73 -1.65
C GLY A 14 1.79 2.22 -1.72
N LYS A 15 0.58 1.71 -1.98
CA LYS A 15 0.37 0.27 -2.08
C LYS A 15 -0.29 -0.10 -3.41
N PRO A 16 0.25 -1.14 -4.06
CA PRO A 16 -0.28 -1.61 -5.35
C PRO A 16 -1.63 -2.27 -5.21
N GLY A 17 -2.15 -2.80 -6.32
CA GLY A 17 -3.44 -3.45 -6.30
C GLY A 17 -4.59 -2.48 -6.48
N HIS A 18 -4.45 -1.29 -5.90
CA HIS A 18 -5.49 -0.26 -5.99
C HIS A 18 -4.88 1.09 -6.37
N TYR A 19 -5.74 2.08 -6.58
CA TYR A 19 -5.29 3.42 -6.95
C TYR A 19 -5.66 4.43 -5.87
N ILE A 20 -5.05 5.62 -5.95
CA ILE A 20 -5.33 6.68 -4.99
C ILE A 20 -6.82 6.93 -4.85
N LYS A 21 -7.59 6.45 -5.83
CA LYS A 21 -9.04 6.62 -5.83
C LYS A 21 -9.72 5.42 -5.16
N ASN A 22 -9.15 4.24 -5.35
CA ASN A 22 -9.70 3.02 -4.76
C ASN A 22 -9.01 2.69 -3.44
N CYS A 23 -8.22 3.62 -2.95
CA CYS A 23 -7.50 3.43 -1.70
C CYS A 23 -8.46 3.37 -0.51
N PRO A 24 -8.25 2.39 0.37
CA PRO A 24 -9.09 2.20 1.56
C PRO A 24 -8.89 3.30 2.59
N THR A 25 -7.62 3.61 2.88
CA THR A 25 -7.29 4.64 3.86
C THR A 25 -8.26 5.82 3.75
N ASN A 26 -8.71 6.10 2.54
CA ASN A 26 -9.63 7.21 2.32
C ASN A 26 -10.68 7.28 3.42
N GLY A 27 -11.41 6.18 3.61
CA GLY A 27 -12.44 6.14 4.63
C GLY A 27 -11.86 5.94 6.02
N ASP A 28 -10.86 6.73 6.36
CA ASP A 28 -10.22 6.63 7.67
C ASP A 28 -9.41 7.89 7.98
N LYS A 29 -8.95 8.00 9.22
CA LYS A 29 -8.18 9.16 9.64
C LYS A 29 -7.00 8.74 10.52
N ASN A 30 -5.86 9.39 10.32
CA ASN A 30 -4.66 9.08 11.09
C ASN A 30 -4.24 7.62 10.89
N PHE A 31 -4.24 7.18 9.64
CA PHE A 31 -3.86 5.80 9.32
C PHE A 31 -2.36 5.69 9.10
N GLU A 32 -1.80 6.64 8.35
CA GLU A 32 -0.37 6.64 8.07
C GLU A 32 0.42 7.19 9.26
N SER A 33 1.72 6.91 9.28
CA SER A 33 2.58 7.37 10.37
C SER A 33 3.15 8.75 10.04
N GLY A 34 2.54 9.42 9.07
CA GLY A 34 3.01 10.75 8.69
C GLY A 34 4.10 10.69 7.64
N PRO A 35 5.05 11.64 7.73
CA PRO A 35 6.17 11.72 6.78
C PRO A 35 7.15 10.57 6.96
N ARG A 36 7.55 10.31 8.20
CA ARG A 36 8.49 9.24 8.50
C ARG A 36 7.77 8.04 9.10
N ILE A 37 8.52 6.98 9.37
CA ILE A 37 7.96 5.77 9.95
C ILE A 37 8.69 5.37 11.22
N LYS A 38 7.94 4.91 12.22
CA LYS A 38 8.52 4.50 13.48
C LYS A 38 9.19 3.13 13.36
N LYS A 39 8.42 2.14 12.94
CA LYS A 39 8.93 0.78 12.77
C LYS A 39 8.14 0.03 11.71
N SER A 40 8.76 -0.99 11.12
CA SER A 40 8.11 -1.80 10.10
C SER A 40 6.82 -2.40 10.63
N THR A 41 6.94 -3.33 11.56
CA THR A 41 5.77 -3.98 12.15
C THR A 41 5.03 -3.04 13.09
N GLY A 42 3.76 -2.78 12.77
CA GLY A 42 2.95 -1.91 13.61
C GLY A 42 1.46 -2.05 13.33
N ILE A 43 0.71 -2.40 14.36
CA ILE A 43 -0.73 -2.56 14.23
C ILE A 43 -1.46 -1.23 14.39
N PRO A 44 -2.61 -1.10 13.69
CA PRO A 44 -3.43 0.12 13.75
C PRO A 44 -4.10 0.31 15.10
N ARG A 45 -4.64 1.49 15.33
CA ARG A 45 -5.31 1.81 16.59
C ARG A 45 -4.33 1.76 17.75
N SER A 46 -3.14 2.32 17.56
CA SER A 46 -2.11 2.33 18.59
C SER A 46 -2.66 2.92 19.88
N PHE A 47 -3.37 4.04 19.77
CA PHE A 47 -3.94 4.71 20.93
C PHE A 47 -4.38 3.70 21.98
N MET A 48 -5.13 2.69 21.54
CA MET A 48 -5.60 1.64 22.45
C MET A 48 -5.51 0.27 21.79
N MET A 49 -4.62 -0.57 22.33
CA MET A 49 -4.44 -1.92 21.80
C MET A 49 -4.80 -2.98 22.85
N GLU A 50 -4.65 -4.24 22.48
CA GLU A 50 -4.95 -5.33 23.39
C GLU A 50 -6.45 -5.42 23.66
N VAL A 51 -7.24 -5.04 22.67
CA VAL A 51 -8.69 -5.07 22.79
C VAL A 51 -9.30 -6.18 21.93
N LYS A 52 -8.45 -7.07 21.44
CA LYS A 52 -8.90 -8.17 20.60
C LYS A 52 -7.82 -9.23 20.47
N ASP A 53 -8.20 -10.42 20.02
CA ASP A 53 -7.27 -11.53 19.85
C ASP A 53 -7.37 -12.12 18.45
N PRO A 54 -6.21 -12.38 17.82
CA PRO A 54 -6.15 -12.95 16.47
C PRO A 54 -6.60 -14.40 16.43
N ASN A 55 -6.04 -15.21 17.33
CA ASN A 55 -6.39 -16.63 17.39
C ASN A 55 -5.95 -17.24 18.72
ZN ZN B . -3.59 3.18 -0.91
N GLY A 1 14.51 -1.67 -9.95
CA GLY A 1 13.82 -2.92 -9.73
C GLY A 1 13.21 -3.50 -11.00
N SER A 2 12.13 -2.90 -11.45
CA SER A 2 11.45 -3.37 -12.67
C SER A 2 11.86 -2.52 -13.87
N SER A 3 11.75 -3.10 -15.06
CA SER A 3 12.11 -2.41 -16.28
C SER A 3 11.09 -2.69 -17.40
N GLY A 4 10.67 -1.64 -18.09
CA GLY A 4 9.71 -1.80 -19.16
C GLY A 4 8.44 -2.48 -18.71
N SER A 5 7.96 -2.11 -17.52
CA SER A 5 6.74 -2.70 -16.97
C SER A 5 5.53 -1.80 -17.24
N SER A 6 5.69 -0.51 -16.99
CA SER A 6 4.62 0.45 -17.20
C SER A 6 3.48 0.21 -16.22
N GLY A 7 3.83 0.03 -14.95
CA GLY A 7 2.83 -0.22 -13.93
C GLY A 7 2.48 1.04 -13.15
N TYR A 8 1.79 0.87 -12.03
CA TYR A 8 1.39 2.00 -11.20
C TYR A 8 1.09 1.55 -9.77
N THR A 9 0.89 2.51 -8.87
CA THR A 9 0.59 2.21 -7.49
C THR A 9 -0.15 3.36 -6.82
N CYS A 10 -0.91 3.04 -5.77
CA CYS A 10 -1.68 4.05 -5.06
C CYS A 10 -0.78 5.21 -4.62
N PHE A 11 -1.01 6.38 -5.20
CA PHE A 11 -0.22 7.57 -4.87
C PHE A 11 -0.61 8.11 -3.50
N ARG A 12 -1.66 7.54 -2.91
CA ARG A 12 -2.12 7.96 -1.60
C ARG A 12 -1.24 7.39 -0.49
N CYS A 13 -1.32 6.08 -0.30
CA CYS A 13 -0.52 5.42 0.73
C CYS A 13 0.75 4.82 0.13
N GLY A 14 0.66 4.37 -1.11
CA GLY A 14 1.81 3.78 -1.78
C GLY A 14 1.73 2.28 -1.84
N LYS A 15 0.52 1.75 -1.97
CA LYS A 15 0.31 0.30 -2.04
C LYS A 15 -0.31 -0.09 -3.37
N PRO A 16 0.22 -1.15 -3.99
CA PRO A 16 -0.27 -1.65 -5.27
C PRO A 16 -1.65 -2.29 -5.16
N GLY A 17 -2.15 -2.81 -6.28
CA GLY A 17 -3.46 -3.45 -6.28
C GLY A 17 -4.59 -2.45 -6.44
N HIS A 18 -4.42 -1.28 -5.83
CA HIS A 18 -5.43 -0.23 -5.91
C HIS A 18 -4.80 1.12 -6.23
N TYR A 19 -5.64 2.10 -6.57
CA TYR A 19 -5.16 3.43 -6.92
C TYR A 19 -5.53 4.44 -5.82
N ILE A 20 -5.09 5.67 -6.00
CA ILE A 20 -5.37 6.73 -5.03
C ILE A 20 -6.87 6.98 -4.93
N LYS A 21 -7.60 6.55 -5.94
CA LYS A 21 -9.06 6.73 -5.96
C LYS A 21 -9.77 5.51 -5.36
N ASN A 22 -9.09 4.37 -5.40
CA ASN A 22 -9.65 3.14 -4.85
C ASN A 22 -8.94 2.74 -3.56
N CYS A 23 -8.25 3.69 -2.96
CA CYS A 23 -7.52 3.44 -1.71
C CYS A 23 -8.48 3.38 -0.53
N PRO A 24 -8.29 2.37 0.32
CA PRO A 24 -9.14 2.16 1.52
C PRO A 24 -8.89 3.23 2.58
N THR A 25 -7.63 3.48 2.89
CA THR A 25 -7.26 4.47 3.88
C THR A 25 -8.24 5.65 3.87
N ASN A 26 -8.66 6.04 2.67
CA ASN A 26 -9.59 7.15 2.51
C ASN A 26 -10.64 7.14 3.63
N GLY A 27 -11.33 6.02 3.77
CA GLY A 27 -12.35 5.91 4.80
C GLY A 27 -11.85 5.19 6.04
N ASP A 28 -10.63 5.54 6.47
CA ASP A 28 -10.03 4.92 7.65
C ASP A 28 -9.74 5.97 8.71
N LYS A 29 -10.23 5.72 9.93
CA LYS A 29 -10.02 6.64 11.04
C LYS A 29 -8.69 6.39 11.72
N ASN A 30 -7.82 7.40 11.71
CA ASN A 30 -6.51 7.28 12.33
C ASN A 30 -5.67 6.22 11.62
N PHE A 31 -5.88 6.08 10.31
CA PHE A 31 -5.14 5.10 9.53
C PHE A 31 -3.65 5.16 9.83
N GLU A 32 -3.14 6.39 10.00
CA GLU A 32 -1.73 6.59 10.29
C GLU A 32 -1.28 5.75 11.49
N SER A 33 -2.11 5.73 12.53
CA SER A 33 -1.82 4.97 13.74
C SER A 33 -1.54 3.50 13.40
N GLY A 34 -2.44 2.91 12.61
CA GLY A 34 -2.28 1.52 12.23
C GLY A 34 -3.60 0.83 11.96
N PRO A 35 -3.77 0.32 10.74
CA PRO A 35 -5.00 -0.37 10.32
C PRO A 35 -5.17 -1.71 11.02
N ARG A 36 -6.25 -1.85 11.78
CA ARG A 36 -6.54 -3.07 12.50
C ARG A 36 -7.01 -4.17 11.55
N ILE A 37 -6.72 -5.41 11.90
CA ILE A 37 -7.13 -6.55 11.07
C ILE A 37 -6.84 -6.28 9.60
N LYS A 38 -5.77 -5.52 9.33
CA LYS A 38 -5.39 -5.19 7.97
C LYS A 38 -5.16 -6.46 7.15
N LYS A 39 -5.45 -6.38 5.86
CA LYS A 39 -5.27 -7.52 4.96
C LYS A 39 -5.36 -7.09 3.51
N SER A 40 -4.81 -7.91 2.61
CA SER A 40 -4.83 -7.61 1.19
C SER A 40 -5.16 -8.86 0.37
N THR A 41 -5.87 -8.66 -0.73
CA THR A 41 -6.25 -9.76 -1.60
C THR A 41 -5.15 -10.10 -2.60
N GLY A 42 -4.93 -11.40 -2.82
CA GLY A 42 -3.89 -11.82 -3.74
C GLY A 42 -3.50 -13.28 -3.53
N ILE A 43 -3.50 -14.05 -4.61
CA ILE A 43 -3.13 -15.46 -4.54
C ILE A 43 -1.63 -15.63 -4.34
N PRO A 44 -1.24 -16.73 -3.68
CA PRO A 44 0.17 -17.04 -3.42
C PRO A 44 0.93 -17.41 -4.69
N ARG A 45 0.37 -18.34 -5.45
CA ARG A 45 0.99 -18.79 -6.69
C ARG A 45 0.03 -19.63 -7.51
N SER A 46 0.35 -19.82 -8.79
CA SER A 46 -0.49 -20.60 -9.69
C SER A 46 0.32 -21.70 -10.37
N PHE A 47 -0.38 -22.73 -10.84
CA PHE A 47 0.27 -23.85 -11.52
C PHE A 47 0.65 -23.48 -12.94
N MET A 48 -0.25 -22.76 -13.62
CA MET A 48 0.00 -22.35 -15.00
C MET A 48 1.35 -21.66 -15.13
N MET A 49 1.86 -21.15 -14.01
CA MET A 49 3.15 -20.47 -14.00
C MET A 49 4.26 -21.40 -14.49
N GLU A 50 4.95 -20.97 -15.55
CA GLU A 50 6.04 -21.78 -16.11
C GLU A 50 7.34 -21.53 -15.36
N VAL A 51 7.24 -20.88 -14.20
CA VAL A 51 8.41 -20.59 -13.39
C VAL A 51 8.63 -21.67 -12.33
N LYS A 52 9.76 -22.34 -12.41
CA LYS A 52 10.09 -23.41 -11.46
C LYS A 52 10.92 -22.84 -10.30
N ASP A 53 10.42 -23.05 -9.08
CA ASP A 53 11.10 -22.58 -7.88
C ASP A 53 12.11 -23.62 -7.38
N PRO A 54 13.25 -23.14 -6.87
CA PRO A 54 14.30 -24.01 -6.35
C PRO A 54 13.90 -24.70 -5.05
N ASN A 55 12.67 -24.44 -4.61
CA ASN A 55 12.16 -25.04 -3.38
C ASN A 55 12.32 -26.55 -3.39
ZN ZN B . -3.58 3.23 -0.84
N GLY A 1 12.29 -4.73 -9.38
CA GLY A 1 10.91 -4.38 -9.66
C GLY A 1 10.50 -3.07 -9.03
N SER A 2 10.79 -2.92 -7.74
CA SER A 2 10.44 -1.70 -7.01
C SER A 2 11.04 -0.47 -7.70
N SER A 3 12.36 -0.46 -7.82
CA SER A 3 13.05 0.65 -8.45
C SER A 3 12.28 1.18 -9.65
N GLY A 4 11.94 0.28 -10.56
CA GLY A 4 11.19 0.66 -11.75
C GLY A 4 9.91 -0.13 -11.91
N SER A 5 8.78 0.54 -11.74
CA SER A 5 7.48 -0.11 -11.86
C SER A 5 7.06 -0.21 -13.33
N SER A 6 6.27 -1.23 -13.64
CA SER A 6 5.80 -1.44 -15.01
C SER A 6 4.32 -1.10 -15.13
N GLY A 7 3.72 -0.70 -14.01
CA GLY A 7 2.31 -0.35 -14.02
C GLY A 7 2.03 0.92 -13.25
N TYR A 8 1.38 0.79 -12.10
CA TYR A 8 1.04 1.94 -11.27
C TYR A 8 0.79 1.51 -9.82
N THR A 9 0.70 2.49 -8.93
CA THR A 9 0.46 2.22 -7.52
C THR A 9 -0.26 3.39 -6.86
N CYS A 10 -1.01 3.08 -5.80
CA CYS A 10 -1.76 4.11 -5.07
C CYS A 10 -0.83 5.23 -4.62
N PHE A 11 -1.02 6.41 -5.19
CA PHE A 11 -0.19 7.56 -4.84
C PHE A 11 -0.59 8.12 -3.46
N ARG A 12 -1.61 7.53 -2.88
CA ARG A 12 -2.09 7.97 -1.57
C ARG A 12 -1.23 7.38 -0.44
N CYS A 13 -1.34 6.06 -0.26
CA CYS A 13 -0.56 5.38 0.77
C CYS A 13 0.71 4.78 0.18
N GLY A 14 0.67 4.44 -1.09
CA GLY A 14 1.82 3.86 -1.74
C GLY A 14 1.78 2.34 -1.77
N LYS A 15 0.59 1.79 -2.00
CA LYS A 15 0.42 0.34 -2.05
C LYS A 15 -0.23 -0.09 -3.36
N PRO A 16 0.31 -1.14 -3.97
CA PRO A 16 -0.19 -1.68 -5.24
C PRO A 16 -1.56 -2.35 -5.08
N GLY A 17 -2.12 -2.81 -6.20
CA GLY A 17 -3.41 -3.46 -6.16
C GLY A 17 -4.56 -2.48 -6.32
N HIS A 18 -4.43 -1.32 -5.69
CA HIS A 18 -5.48 -0.30 -5.77
C HIS A 18 -4.88 1.04 -6.18
N TYR A 19 -5.75 2.04 -6.36
CA TYR A 19 -5.32 3.37 -6.76
C TYR A 19 -5.68 4.40 -5.70
N ILE A 20 -5.11 5.59 -5.82
CA ILE A 20 -5.37 6.67 -4.87
C ILE A 20 -6.86 6.97 -4.77
N LYS A 21 -7.59 6.68 -5.84
CA LYS A 21 -9.03 6.91 -5.87
C LYS A 21 -9.78 5.76 -5.21
N ASN A 22 -9.25 4.55 -5.36
CA ASN A 22 -9.87 3.36 -4.77
C ASN A 22 -9.12 2.92 -3.51
N CYS A 23 -8.33 3.83 -2.96
CA CYS A 23 -7.55 3.54 -1.76
C CYS A 23 -8.48 3.31 -0.57
N PRO A 24 -8.19 2.25 0.21
CA PRO A 24 -8.98 1.90 1.40
C PRO A 24 -8.81 2.90 2.53
N THR A 25 -7.58 3.38 2.71
CA THR A 25 -7.29 4.34 3.77
C THR A 25 -8.18 5.58 3.64
N ASN A 26 -8.37 6.04 2.41
CA ASN A 26 -9.19 7.22 2.15
C ASN A 26 -10.62 6.99 2.65
N GLY A 27 -10.99 5.72 2.82
CA GLY A 27 -12.32 5.40 3.28
C GLY A 27 -12.31 4.59 4.57
N ASP A 28 -11.35 4.89 5.44
CA ASP A 28 -11.23 4.19 6.71
C ASP A 28 -11.44 5.15 7.88
N LYS A 29 -11.75 4.59 9.05
CA LYS A 29 -11.98 5.39 10.25
C LYS A 29 -10.69 5.53 11.06
N ASN A 30 -9.77 4.60 10.86
CA ASN A 30 -8.50 4.62 11.58
C ASN A 30 -7.55 5.65 10.97
N PHE A 31 -7.47 5.66 9.64
CA PHE A 31 -6.61 6.60 8.93
C PHE A 31 -6.78 8.01 9.48
N GLU A 32 -8.03 8.45 9.60
CA GLU A 32 -8.33 9.78 10.10
C GLU A 32 -7.59 10.05 11.41
N SER A 33 -7.54 9.05 12.27
CA SER A 33 -6.86 9.17 13.55
C SER A 33 -5.35 9.15 13.37
N GLY A 34 -4.86 8.20 12.58
CA GLY A 34 -3.43 8.09 12.33
C GLY A 34 -2.87 6.75 12.80
N PRO A 35 -2.31 5.99 11.85
CA PRO A 35 -1.73 4.67 12.14
C PRO A 35 -0.45 4.78 12.97
N ARG A 36 0.47 5.64 12.52
CA ARG A 36 1.73 5.83 13.22
C ARG A 36 1.96 7.31 13.55
N ILE A 37 2.43 7.57 14.76
CA ILE A 37 2.69 8.94 15.19
C ILE A 37 4.17 9.15 15.49
N LYS A 38 4.84 8.09 15.91
CA LYS A 38 6.26 8.15 16.22
C LYS A 38 7.06 8.69 15.03
N LYS A 39 7.70 9.83 15.22
CA LYS A 39 8.51 10.45 14.17
C LYS A 39 9.21 9.38 13.32
N SER A 40 10.06 8.60 13.96
CA SER A 40 10.80 7.55 13.27
C SER A 40 10.62 6.20 13.98
N THR A 41 10.03 5.24 13.27
CA THR A 41 9.81 3.92 13.81
C THR A 41 10.95 2.97 13.48
N GLY A 42 11.29 2.90 12.19
CA GLY A 42 12.36 2.03 11.75
C GLY A 42 11.89 0.62 11.45
N ILE A 43 11.52 0.38 10.21
CA ILE A 43 11.04 -0.94 9.79
C ILE A 43 11.94 -1.54 8.72
N PRO A 44 12.04 -2.88 8.71
CA PRO A 44 12.86 -3.60 7.74
C PRO A 44 12.29 -3.54 6.33
N ARG A 45 12.77 -4.43 5.46
CA ARG A 45 12.31 -4.46 4.08
C ARG A 45 10.80 -4.23 4.00
N SER A 46 10.07 -4.81 4.95
CA SER A 46 8.62 -4.66 4.99
C SER A 46 8.11 -4.67 6.43
N PHE A 47 6.84 -4.31 6.60
CA PHE A 47 6.23 -4.27 7.92
C PHE A 47 6.25 -5.65 8.57
N MET A 48 7.00 -5.79 9.65
CA MET A 48 7.10 -7.06 10.36
C MET A 48 7.41 -6.84 11.84
N MET A 49 6.85 -7.68 12.70
CA MET A 49 7.07 -7.57 14.13
C MET A 49 7.84 -8.78 14.66
N GLU A 50 8.49 -9.50 13.75
CA GLU A 50 9.26 -10.68 14.12
C GLU A 50 10.59 -10.29 14.77
N VAL A 51 10.73 -8.99 15.05
CA VAL A 51 11.95 -8.48 15.67
C VAL A 51 11.68 -7.91 17.05
N LYS A 52 12.60 -8.12 17.97
CA LYS A 52 12.46 -7.61 19.33
C LYS A 52 13.62 -6.70 19.71
N ASP A 53 13.30 -5.44 20.03
CA ASP A 53 14.32 -4.48 20.40
C ASP A 53 14.41 -4.35 21.92
N PRO A 54 15.44 -4.98 22.52
CA PRO A 54 15.66 -4.95 23.96
C PRO A 54 16.10 -3.57 24.45
N ASN A 55 17.12 -3.01 23.80
CA ASN A 55 17.64 -1.70 24.17
C ASN A 55 17.05 -0.62 23.27
ZN ZN B . -3.68 3.37 -0.86
N GLY A 1 1.89 -5.51 -20.52
CA GLY A 1 1.24 -6.02 -19.33
C GLY A 1 2.01 -7.16 -18.70
N SER A 2 3.06 -6.83 -17.96
CA SER A 2 3.89 -7.84 -17.30
C SER A 2 3.64 -7.85 -15.80
N SER A 3 3.62 -9.04 -15.21
CA SER A 3 3.39 -9.19 -13.79
C SER A 3 4.71 -9.10 -13.01
N GLY A 4 4.70 -8.34 -11.92
CA GLY A 4 5.90 -8.19 -11.12
C GLY A 4 5.88 -6.93 -10.28
N SER A 5 6.96 -6.16 -10.35
CA SER A 5 7.06 -4.92 -9.60
C SER A 5 6.61 -3.73 -10.43
N SER A 6 7.08 -3.67 -11.67
CA SER A 6 6.72 -2.58 -12.58
C SER A 6 5.21 -2.41 -12.65
N GLY A 7 4.76 -1.17 -12.56
CA GLY A 7 3.33 -0.88 -12.62
C GLY A 7 2.91 0.24 -11.69
N TYR A 8 1.83 0.92 -12.04
CA TYR A 8 1.34 2.03 -11.22
C TYR A 8 1.17 1.60 -9.76
N THR A 9 0.78 2.54 -8.92
CA THR A 9 0.59 2.27 -7.51
C THR A 9 -0.18 3.41 -6.83
N CYS A 10 -0.91 3.07 -5.76
CA CYS A 10 -1.68 4.06 -5.02
C CYS A 10 -0.79 5.23 -4.58
N PHE A 11 -1.05 6.41 -5.15
CA PHE A 11 -0.28 7.59 -4.82
C PHE A 11 -0.73 8.18 -3.50
N ARG A 12 -1.60 7.46 -2.79
CA ARG A 12 -2.10 7.90 -1.50
C ARG A 12 -1.26 7.36 -0.36
N CYS A 13 -1.27 6.04 -0.20
CA CYS A 13 -0.51 5.38 0.86
C CYS A 13 0.79 4.79 0.30
N GLY A 14 0.74 4.36 -0.95
CA GLY A 14 1.91 3.77 -1.58
C GLY A 14 1.83 2.25 -1.67
N LYS A 15 0.63 1.75 -1.95
CA LYS A 15 0.42 0.32 -2.06
C LYS A 15 -0.26 -0.04 -3.38
N PRO A 16 0.30 -1.04 -4.07
CA PRO A 16 -0.23 -1.50 -5.36
C PRO A 16 -1.58 -2.21 -5.22
N GLY A 17 -2.07 -2.76 -6.31
CA GLY A 17 -3.34 -3.46 -6.30
C GLY A 17 -4.53 -2.52 -6.41
N HIS A 18 -4.41 -1.35 -5.80
CA HIS A 18 -5.48 -0.35 -5.85
C HIS A 18 -4.93 1.02 -6.20
N TYR A 19 -5.82 1.93 -6.58
CA TYR A 19 -5.43 3.28 -6.95
C TYR A 19 -5.81 4.28 -5.86
N ILE A 20 -5.14 5.44 -5.85
CA ILE A 20 -5.40 6.46 -4.86
C ILE A 20 -6.90 6.73 -4.74
N LYS A 21 -7.62 6.64 -5.86
CA LYS A 21 -9.05 6.86 -5.87
C LYS A 21 -9.79 5.70 -5.23
N ASN A 22 -9.24 4.50 -5.35
CA ASN A 22 -9.84 3.31 -4.77
C ASN A 22 -9.10 2.88 -3.51
N CYS A 23 -8.31 3.79 -2.95
CA CYS A 23 -7.54 3.49 -1.74
C CYS A 23 -8.47 3.36 -0.53
N PRO A 24 -8.30 2.26 0.22
CA PRO A 24 -9.10 1.99 1.41
C PRO A 24 -8.77 2.95 2.56
N THR A 25 -7.60 3.56 2.50
CA THR A 25 -7.17 4.50 3.52
C THR A 25 -7.79 5.87 3.31
N ASN A 26 -8.86 5.92 2.53
CA ASN A 26 -9.55 7.17 2.24
C ASN A 26 -10.38 7.62 3.44
N GLY A 27 -10.18 6.95 4.58
CA GLY A 27 -10.91 7.29 5.78
C GLY A 27 -11.04 6.12 6.73
N ASP A 28 -9.97 5.36 6.89
CA ASP A 28 -9.98 4.20 7.78
C ASP A 28 -9.19 4.49 9.06
N LYS A 29 -8.50 5.63 9.08
CA LYS A 29 -7.71 6.02 10.25
C LYS A 29 -6.76 4.90 10.65
N ASN A 30 -6.24 4.19 9.65
CA ASN A 30 -5.30 3.09 9.91
C ASN A 30 -3.92 3.43 9.37
N PHE A 31 -3.88 4.09 8.23
CA PHE A 31 -2.61 4.47 7.61
C PHE A 31 -2.10 5.79 8.18
N GLU A 32 -0.90 5.75 8.76
CA GLU A 32 -0.29 6.94 9.34
C GLU A 32 0.03 7.97 8.27
N SER A 33 -0.07 9.24 8.63
CA SER A 33 0.21 10.33 7.69
C SER A 33 1.52 11.04 8.07
N GLY A 34 1.77 11.17 9.37
CA GLY A 34 2.97 11.83 9.83
C GLY A 34 4.23 11.13 9.36
N PRO A 35 5.15 10.86 10.30
CA PRO A 35 6.42 10.19 10.01
C PRO A 35 6.22 8.73 9.63
N ARG A 36 7.07 8.23 8.73
CA ARG A 36 6.99 6.84 8.29
C ARG A 36 8.37 6.30 7.94
N ILE A 37 8.70 5.14 8.50
CA ILE A 37 9.98 4.51 8.26
C ILE A 37 9.93 3.58 7.05
N LYS A 38 11.00 3.58 6.26
CA LYS A 38 11.08 2.74 5.07
C LYS A 38 11.56 1.33 5.44
N LYS A 39 11.35 0.39 4.52
CA LYS A 39 11.77 -0.98 4.74
C LYS A 39 11.94 -1.72 3.41
N SER A 40 13.15 -2.22 3.17
CA SER A 40 13.44 -2.94 1.93
C SER A 40 13.26 -4.43 2.12
N THR A 41 12.42 -5.04 1.29
CA THR A 41 12.16 -6.47 1.36
C THR A 41 12.03 -7.08 -0.03
N GLY A 42 11.89 -8.40 -0.08
CA GLY A 42 11.77 -9.09 -1.36
C GLY A 42 13.07 -9.13 -2.12
N ILE A 43 13.59 -10.34 -2.33
CA ILE A 43 14.84 -10.51 -3.06
C ILE A 43 14.64 -10.34 -4.57
N PRO A 44 15.70 -9.91 -5.27
CA PRO A 44 15.67 -9.70 -6.72
C PRO A 44 15.56 -11.01 -7.48
N ARG A 45 16.40 -11.98 -7.12
CA ARG A 45 16.40 -13.28 -7.77
C ARG A 45 16.99 -14.35 -6.86
N SER A 46 16.22 -15.40 -6.62
CA SER A 46 16.67 -16.49 -5.76
C SER A 46 17.97 -17.10 -6.28
N PHE A 47 19.04 -16.92 -5.52
CA PHE A 47 20.34 -17.44 -5.90
C PHE A 47 20.61 -18.80 -5.23
N MET A 48 19.54 -19.40 -4.71
CA MET A 48 19.66 -20.70 -4.05
C MET A 48 19.93 -21.81 -5.05
N MET A 49 20.52 -22.90 -4.58
CA MET A 49 20.84 -24.03 -5.43
C MET A 49 20.34 -25.33 -4.82
N GLU A 50 19.58 -26.10 -5.60
CA GLU A 50 19.03 -27.37 -5.13
C GLU A 50 20.03 -28.50 -5.36
N VAL A 51 21.29 -28.14 -5.58
CA VAL A 51 22.34 -29.12 -5.81
C VAL A 51 22.52 -30.03 -4.60
N LYS A 52 22.45 -31.34 -4.84
CA LYS A 52 22.60 -32.32 -3.78
C LYS A 52 23.66 -33.36 -4.14
N ASP A 53 24.40 -33.81 -3.13
CA ASP A 53 25.45 -34.80 -3.34
C ASP A 53 24.95 -36.21 -3.01
N PRO A 54 25.25 -37.17 -3.90
CA PRO A 54 24.84 -38.56 -3.72
C PRO A 54 25.58 -39.24 -2.58
N ASN A 55 26.90 -39.14 -2.58
CA ASN A 55 27.72 -39.74 -1.54
C ASN A 55 29.07 -39.04 -1.42
ZN ZN B . -3.65 3.20 -0.85
N GLY A 1 3.69 -13.57 -16.95
CA GLY A 1 4.35 -14.84 -16.69
C GLY A 1 5.82 -14.66 -16.33
N SER A 2 6.12 -14.66 -15.04
CA SER A 2 7.49 -14.49 -14.56
C SER A 2 8.11 -13.22 -15.15
N SER A 3 7.33 -12.15 -15.17
CA SER A 3 7.81 -10.88 -15.71
C SER A 3 7.67 -9.77 -14.67
N GLY A 4 8.36 -8.66 -14.91
CA GLY A 4 8.31 -7.54 -14.00
C GLY A 4 8.17 -6.21 -14.71
N SER A 5 7.33 -5.33 -14.17
CA SER A 5 7.10 -4.02 -14.75
C SER A 5 6.71 -3.01 -13.69
N SER A 6 7.11 -1.76 -13.90
CA SER A 6 6.80 -0.69 -12.95
C SER A 6 5.30 -0.52 -12.79
N GLY A 7 4.61 -0.24 -13.90
CA GLY A 7 3.17 -0.06 -13.87
C GLY A 7 2.76 1.18 -13.10
N TYR A 8 2.14 0.98 -11.94
CA TYR A 8 1.68 2.09 -11.12
C TYR A 8 1.37 1.61 -9.70
N THR A 9 1.00 2.56 -8.84
CA THR A 9 0.66 2.24 -7.46
C THR A 9 -0.10 3.39 -6.79
N CYS A 10 -0.87 3.06 -5.76
CA CYS A 10 -1.65 4.06 -5.04
C CYS A 10 -0.76 5.23 -4.61
N PHE A 11 -1.01 6.40 -5.20
CA PHE A 11 -0.24 7.59 -4.89
C PHE A 11 -0.63 8.14 -3.52
N ARG A 12 -1.65 7.54 -2.91
CA ARG A 12 -2.12 7.98 -1.62
C ARG A 12 -1.24 7.44 -0.50
N CYS A 13 -1.22 6.13 -0.34
CA CYS A 13 -0.41 5.48 0.69
C CYS A 13 0.82 4.83 0.07
N GLY A 14 0.69 4.38 -1.17
CA GLY A 14 1.82 3.75 -1.84
C GLY A 14 1.68 2.24 -1.88
N LYS A 15 0.45 1.75 -1.92
CA LYS A 15 0.19 0.31 -1.97
C LYS A 15 -0.40 -0.10 -3.31
N PRO A 16 0.15 -1.16 -3.90
CA PRO A 16 -0.32 -1.68 -5.19
C PRO A 16 -1.70 -2.32 -5.10
N GLY A 17 -2.18 -2.84 -6.22
CA GLY A 17 -3.48 -3.48 -6.25
C GLY A 17 -4.61 -2.48 -6.39
N HIS A 18 -4.42 -1.29 -5.83
CA HIS A 18 -5.43 -0.24 -5.90
C HIS A 18 -4.81 1.11 -6.24
N TYR A 19 -5.65 2.09 -6.55
CA TYR A 19 -5.17 3.42 -6.89
C TYR A 19 -5.53 4.43 -5.81
N ILE A 20 -5.12 5.67 -6.00
CA ILE A 20 -5.39 6.74 -5.05
C ILE A 20 -6.90 6.99 -4.94
N LYS A 21 -7.64 6.57 -5.96
CA LYS A 21 -9.08 6.76 -5.98
C LYS A 21 -9.80 5.56 -5.37
N ASN A 22 -9.14 4.40 -5.38
CA ASN A 22 -9.70 3.19 -4.83
C ASN A 22 -9.01 2.80 -3.53
N CYS A 23 -8.20 3.72 -3.01
CA CYS A 23 -7.48 3.48 -1.76
C CYS A 23 -8.45 3.39 -0.58
N PRO A 24 -8.25 2.36 0.26
CA PRO A 24 -9.10 2.13 1.44
C PRO A 24 -8.87 3.18 2.52
N THR A 25 -7.60 3.41 2.86
CA THR A 25 -7.25 4.39 3.88
C THR A 25 -8.22 5.57 3.87
N ASN A 26 -8.64 5.96 2.68
CA ASN A 26 -9.57 7.09 2.53
C ASN A 26 -10.64 7.04 3.61
N GLY A 27 -11.28 5.89 3.77
CA GLY A 27 -12.32 5.74 4.78
C GLY A 27 -11.75 5.42 6.15
N ASP A 28 -10.69 6.12 6.54
CA ASP A 28 -10.06 5.91 7.83
C ASP A 28 -9.45 7.20 8.35
N LYS A 29 -9.78 7.54 9.61
CA LYS A 29 -9.25 8.75 10.23
C LYS A 29 -7.81 8.57 10.66
N ASN A 30 -7.53 7.45 11.33
CA ASN A 30 -6.18 7.15 11.80
C ASN A 30 -5.63 5.91 11.11
N PHE A 31 -4.71 6.13 10.16
CA PHE A 31 -4.10 5.04 9.42
C PHE A 31 -2.58 5.09 9.54
N GLU A 32 -2.01 4.05 10.16
CA GLU A 32 -0.57 3.97 10.34
C GLU A 32 -0.01 2.70 9.71
N SER A 33 1.15 2.83 9.05
CA SER A 33 1.79 1.70 8.40
C SER A 33 2.77 1.01 9.34
N GLY A 34 2.46 -0.22 9.72
CA GLY A 34 3.34 -0.96 10.61
C GLY A 34 4.80 -0.78 10.28
N PRO A 35 5.61 -0.46 11.30
CA PRO A 35 7.05 -0.25 11.14
C PRO A 35 7.79 -1.55 10.82
N ARG A 36 7.06 -2.66 10.84
CA ARG A 36 7.65 -3.96 10.56
C ARG A 36 7.66 -4.25 9.07
N ILE A 37 8.39 -5.28 8.67
CA ILE A 37 8.48 -5.67 7.27
C ILE A 37 7.66 -6.92 6.99
N LYS A 38 7.39 -7.69 8.04
CA LYS A 38 6.61 -8.92 7.90
C LYS A 38 5.32 -8.83 8.70
N LYS A 39 4.21 -9.13 8.05
CA LYS A 39 2.90 -9.09 8.71
C LYS A 39 2.33 -10.49 8.87
N SER A 40 1.44 -10.66 9.85
CA SER A 40 0.83 -11.96 10.11
C SER A 40 1.87 -12.96 10.57
N THR A 41 2.83 -12.51 11.37
CA THR A 41 3.89 -13.36 11.88
C THR A 41 3.34 -14.37 12.89
N GLY A 42 3.61 -15.65 12.65
CA GLY A 42 3.14 -16.68 13.56
C GLY A 42 1.91 -17.40 13.04
N ILE A 43 0.79 -16.67 12.98
CA ILE A 43 -0.46 -17.24 12.50
C ILE A 43 -0.79 -16.72 11.10
N PRO A 44 -1.52 -17.54 10.33
CA PRO A 44 -1.92 -17.18 8.96
C PRO A 44 -2.96 -16.08 8.94
N ARG A 45 -3.96 -16.19 9.81
CA ARG A 45 -5.03 -15.19 9.88
C ARG A 45 -5.64 -15.16 11.27
N SER A 46 -6.09 -13.98 11.70
CA SER A 46 -6.70 -13.81 13.01
C SER A 46 -7.55 -12.54 13.06
N PHE A 47 -8.21 -12.32 14.18
CA PHE A 47 -9.05 -11.14 14.37
C PHE A 47 -8.21 -9.89 14.52
N MET A 48 -8.71 -8.79 13.97
CA MET A 48 -8.00 -7.51 14.05
C MET A 48 -8.83 -6.46 14.77
N MET A 49 -8.35 -6.04 15.93
CA MET A 49 -9.05 -5.04 16.73
C MET A 49 -8.14 -4.43 17.79
N GLU A 50 -8.66 -3.48 18.54
CA GLU A 50 -7.88 -2.82 19.59
C GLU A 50 -7.77 -3.71 20.83
N VAL A 51 -8.23 -4.95 20.70
CA VAL A 51 -8.19 -5.90 21.81
C VAL A 51 -6.80 -5.98 22.40
N LYS A 52 -6.73 -6.18 23.71
CA LYS A 52 -5.45 -6.28 24.42
C LYS A 52 -4.77 -7.61 24.10
N ASP A 53 -3.50 -7.71 24.46
CA ASP A 53 -2.73 -8.93 24.22
C ASP A 53 -3.03 -9.99 25.28
N PRO A 54 -3.59 -11.12 24.83
CA PRO A 54 -3.95 -12.23 25.72
C PRO A 54 -2.71 -12.93 26.29
N ASN A 55 -1.78 -13.30 25.40
CA ASN A 55 -0.56 -13.99 25.81
C ASN A 55 0.60 -13.00 25.90
ZN ZN B . -3.60 3.23 -0.86
N GLY A 1 10.25 -0.60 1.41
CA GLY A 1 11.33 -0.61 0.44
C GLY A 1 10.86 -0.96 -0.96
N SER A 2 10.36 0.05 -1.69
CA SER A 2 9.86 -0.17 -3.04
C SER A 2 10.64 0.70 -4.04
N SER A 3 10.95 0.11 -5.19
CA SER A 3 11.69 0.81 -6.23
C SER A 3 10.73 1.38 -7.29
N GLY A 4 11.29 2.13 -8.23
CA GLY A 4 10.47 2.72 -9.28
C GLY A 4 9.83 1.66 -10.15
N SER A 5 8.57 1.33 -9.85
CA SER A 5 7.84 0.32 -10.62
C SER A 5 7.46 0.87 -11.98
N SER A 6 7.32 -0.04 -12.96
CA SER A 6 6.96 0.35 -14.31
C SER A 6 5.47 0.66 -14.41
N GLY A 7 4.65 -0.21 -13.84
CA GLY A 7 3.21 -0.01 -13.87
C GLY A 7 2.78 1.23 -13.10
N TYR A 8 2.13 1.01 -11.96
CA TYR A 8 1.67 2.12 -11.14
C TYR A 8 1.36 1.65 -9.72
N THR A 9 0.99 2.60 -8.86
CA THR A 9 0.66 2.28 -7.47
C THR A 9 -0.09 3.43 -6.81
N CYS A 10 -0.88 3.11 -5.79
CA CYS A 10 -1.65 4.12 -5.07
C CYS A 10 -0.75 5.24 -4.58
N PHE A 11 -0.94 6.43 -5.14
CA PHE A 11 -0.14 7.60 -4.76
C PHE A 11 -0.56 8.12 -3.39
N ARG A 12 -1.59 7.50 -2.82
CA ARG A 12 -2.09 7.91 -1.51
C ARG A 12 -1.25 7.31 -0.40
N CYS A 13 -1.34 5.99 -0.25
CA CYS A 13 -0.57 5.29 0.79
C CYS A 13 0.69 4.68 0.21
N GLY A 14 0.66 4.37 -1.08
CA GLY A 14 1.82 3.78 -1.73
C GLY A 14 1.76 2.26 -1.77
N LYS A 15 0.57 1.72 -2.03
CA LYS A 15 0.39 0.28 -2.09
C LYS A 15 -0.26 -0.13 -3.41
N PRO A 16 0.31 -1.17 -4.05
CA PRO A 16 -0.20 -1.68 -5.32
C PRO A 16 -1.54 -2.38 -5.18
N GLY A 17 -2.12 -2.80 -6.30
CA GLY A 17 -3.39 -3.48 -6.28
C GLY A 17 -4.56 -2.52 -6.38
N HIS A 18 -4.37 -1.30 -5.89
CA HIS A 18 -5.42 -0.29 -5.93
C HIS A 18 -4.83 1.09 -6.23
N TYR A 19 -5.68 2.00 -6.67
CA TYR A 19 -5.25 3.36 -6.98
C TYR A 19 -5.65 4.34 -5.89
N ILE A 20 -5.19 5.58 -6.00
CA ILE A 20 -5.51 6.61 -5.02
C ILE A 20 -7.00 6.91 -5.01
N LYS A 21 -7.70 6.48 -6.06
CA LYS A 21 -9.13 6.70 -6.17
C LYS A 21 -9.91 5.61 -5.45
N ASN A 22 -9.31 4.43 -5.35
CA ASN A 22 -9.95 3.29 -4.69
C ASN A 22 -9.18 2.92 -3.41
N CYS A 23 -8.35 3.83 -2.93
CA CYS A 23 -7.56 3.60 -1.72
C CYS A 23 -8.47 3.45 -0.51
N PRO A 24 -8.19 2.44 0.33
CA PRO A 24 -8.97 2.17 1.55
C PRO A 24 -8.76 3.24 2.61
N THR A 25 -7.50 3.57 2.88
CA THR A 25 -7.17 4.57 3.87
C THR A 25 -8.13 5.76 3.80
N ASN A 26 -8.69 6.00 2.61
CA ASN A 26 -9.62 7.09 2.42
C ASN A 26 -10.65 7.15 3.55
N GLY A 27 -11.46 6.09 3.66
CA GLY A 27 -12.46 6.04 4.70
C GLY A 27 -11.97 5.36 5.96
N ASP A 28 -10.80 5.78 6.43
CA ASP A 28 -10.21 5.21 7.63
C ASP A 28 -9.44 6.27 8.42
N LYS A 29 -8.97 5.89 9.61
CA LYS A 29 -8.22 6.81 10.46
C LYS A 29 -7.05 7.41 9.69
N ASN A 30 -6.33 8.32 10.36
CA ASN A 30 -5.19 8.98 9.74
C ASN A 30 -4.09 7.97 9.39
N PHE A 31 -4.15 6.80 10.02
CA PHE A 31 -3.17 5.76 9.79
C PHE A 31 -1.76 6.33 9.77
N GLU A 32 -1.54 7.39 10.55
CA GLU A 32 -0.23 8.03 10.63
C GLU A 32 0.76 7.16 11.40
N SER A 33 0.30 6.61 12.53
CA SER A 33 1.14 5.77 13.36
C SER A 33 0.71 4.32 13.28
N GLY A 34 1.65 3.40 13.50
CA GLY A 34 1.34 1.98 13.46
C GLY A 34 0.91 1.44 14.80
N PRO A 35 -0.29 0.84 14.85
CA PRO A 35 -0.83 0.26 16.09
C PRO A 35 -0.08 -0.98 16.52
N ARG A 36 0.97 -1.33 15.78
CA ARG A 36 1.77 -2.51 16.09
C ARG A 36 2.64 -2.26 17.32
N ILE A 37 2.66 -3.24 18.23
CA ILE A 37 3.46 -3.13 19.44
C ILE A 37 4.89 -3.61 19.21
N LYS A 38 5.06 -4.51 18.25
CA LYS A 38 6.38 -5.05 17.93
C LYS A 38 7.32 -3.94 17.47
N LYS A 39 6.81 -3.06 16.61
CA LYS A 39 7.60 -1.95 16.08
C LYS A 39 6.76 -0.69 15.98
N SER A 40 7.40 0.45 16.20
CA SER A 40 6.70 1.74 16.13
C SER A 40 7.26 2.59 15.00
N THR A 41 6.45 3.54 14.54
CA THR A 41 6.86 4.44 13.46
C THR A 41 7.75 5.56 13.98
N GLY A 42 7.24 6.33 14.93
CA GLY A 42 8.00 7.42 15.50
C GLY A 42 7.28 8.11 16.64
N ILE A 43 7.94 9.08 17.26
CA ILE A 43 7.35 9.82 18.37
C ILE A 43 7.08 11.26 17.98
N PRO A 44 6.03 11.85 18.57
CA PRO A 44 5.64 13.24 18.31
C PRO A 44 6.64 14.24 18.88
N ARG A 45 6.41 14.66 20.13
CA ARG A 45 7.30 15.62 20.78
C ARG A 45 8.02 14.97 21.95
N SER A 46 7.73 13.70 22.19
CA SER A 46 8.36 12.96 23.28
C SER A 46 9.82 13.37 23.44
N PHE A 47 10.50 13.53 22.32
CA PHE A 47 11.91 13.92 22.33
C PHE A 47 12.08 15.37 21.90
N MET A 48 12.61 16.19 22.81
CA MET A 48 12.82 17.61 22.52
C MET A 48 14.11 18.11 23.16
N MET A 49 14.88 18.88 22.40
CA MET A 49 16.14 19.42 22.90
C MET A 49 16.19 20.94 22.74
N GLU A 50 16.01 21.67 23.83
CA GLU A 50 16.03 23.12 23.80
C GLU A 50 17.43 23.65 24.12
N VAL A 51 18.41 22.75 24.15
CA VAL A 51 19.79 23.13 24.44
C VAL A 51 19.88 23.89 25.76
N LYS A 52 19.15 23.42 26.76
CA LYS A 52 19.15 24.05 28.08
C LYS A 52 18.64 23.09 29.14
N ASP A 53 18.93 23.41 30.40
CA ASP A 53 18.50 22.57 31.52
C ASP A 53 17.00 22.66 31.71
N PRO A 54 16.32 21.50 31.61
CA PRO A 54 14.86 21.43 31.76
C PRO A 54 14.43 21.67 33.20
N ASN A 55 15.19 21.11 34.15
CA ASN A 55 14.88 21.26 35.56
C ASN A 55 13.47 20.74 35.87
ZN ZN B . -3.72 3.30 -0.94
N GLY A 1 12.87 1.40 -5.80
CA GLY A 1 11.59 2.07 -5.65
C GLY A 1 11.17 2.83 -6.88
N SER A 2 11.12 2.13 -8.02
CA SER A 2 10.73 2.75 -9.28
C SER A 2 9.51 2.07 -9.87
N SER A 3 8.96 2.66 -10.93
CA SER A 3 7.78 2.10 -11.58
C SER A 3 8.04 1.91 -13.08
N GLY A 4 7.63 0.76 -13.60
CA GLY A 4 7.81 0.47 -15.01
C GLY A 4 7.04 -0.74 -15.47
N SER A 5 7.33 -1.89 -14.87
CA SER A 5 6.65 -3.13 -15.23
C SER A 5 5.27 -3.19 -14.60
N SER A 6 5.20 -2.96 -13.29
CA SER A 6 3.93 -2.99 -12.57
C SER A 6 2.89 -2.14 -13.28
N GLY A 7 3.22 -0.87 -13.51
CA GLY A 7 2.31 0.03 -14.18
C GLY A 7 2.02 1.27 -13.36
N TYR A 8 1.44 1.09 -12.18
CA TYR A 8 1.10 2.21 -11.30
C TYR A 8 0.85 1.72 -9.88
N THR A 9 0.75 2.67 -8.94
CA THR A 9 0.50 2.33 -7.55
C THR A 9 -0.21 3.47 -6.83
N CYS A 10 -0.96 3.14 -5.80
CA CYS A 10 -1.71 4.14 -5.03
C CYS A 10 -0.78 5.25 -4.56
N PHE A 11 -0.97 6.44 -5.09
CA PHE A 11 -0.15 7.60 -4.73
C PHE A 11 -0.59 8.16 -3.38
N ARG A 12 -1.53 7.48 -2.73
CA ARG A 12 -2.03 7.92 -1.44
C ARG A 12 -1.20 7.34 -0.31
N CYS A 13 -1.22 6.02 -0.19
CA CYS A 13 -0.46 5.32 0.85
C CYS A 13 0.82 4.72 0.29
N GLY A 14 0.77 4.32 -0.98
CA GLY A 14 1.93 3.73 -1.61
C GLY A 14 1.85 2.22 -1.69
N LYS A 15 0.66 1.71 -1.99
CA LYS A 15 0.44 0.27 -2.08
C LYS A 15 -0.24 -0.09 -3.40
N PRO A 16 0.29 -1.12 -4.08
CA PRO A 16 -0.25 -1.58 -5.36
C PRO A 16 -1.61 -2.27 -5.20
N GLY A 17 -2.14 -2.76 -6.31
CA GLY A 17 -3.43 -3.42 -6.28
C GLY A 17 -4.58 -2.45 -6.41
N HIS A 18 -4.45 -1.28 -5.80
CA HIS A 18 -5.49 -0.26 -5.85
C HIS A 18 -4.90 1.09 -6.22
N TYR A 19 -5.78 2.07 -6.44
CA TYR A 19 -5.35 3.42 -6.81
C TYR A 19 -5.74 4.42 -5.73
N ILE A 20 -5.18 5.63 -5.83
CA ILE A 20 -5.48 6.69 -4.87
C ILE A 20 -6.96 7.00 -4.85
N LYS A 21 -7.70 6.45 -5.81
CA LYS A 21 -9.15 6.68 -5.90
C LYS A 21 -9.91 5.56 -5.20
N ASN A 22 -9.36 4.35 -5.23
CA ASN A 22 -9.99 3.21 -4.60
C ASN A 22 -9.24 2.80 -3.33
N CYS A 23 -8.36 3.66 -2.87
CA CYS A 23 -7.57 3.41 -1.67
C CYS A 23 -8.48 3.23 -0.46
N PRO A 24 -8.20 2.20 0.35
CA PRO A 24 -8.98 1.89 1.55
C PRO A 24 -8.76 2.94 2.65
N THR A 25 -7.60 3.57 2.64
CA THR A 25 -7.27 4.59 3.63
C THR A 25 -8.09 5.85 3.41
N ASN A 26 -8.39 6.14 2.15
CA ASN A 26 -9.17 7.33 1.80
C ASN A 26 -10.59 7.22 2.32
N GLY A 27 -10.91 6.06 2.90
CA GLY A 27 -12.25 5.85 3.44
C GLY A 27 -12.24 5.11 4.76
N ASP A 28 -11.15 5.28 5.52
CA ASP A 28 -11.02 4.61 6.81
C ASP A 28 -10.62 5.62 7.89
N LYS A 29 -10.60 5.17 9.13
CA LYS A 29 -10.22 6.02 10.25
C LYS A 29 -8.76 5.86 10.61
N ASN A 30 -8.39 4.66 11.07
CA ASN A 30 -7.01 4.38 11.44
C ASN A 30 -6.25 3.74 10.29
N PHE A 31 -6.83 2.69 9.72
CA PHE A 31 -6.21 1.98 8.60
C PHE A 31 -4.74 1.70 8.89
N GLU A 32 -4.42 1.49 10.16
CA GLU A 32 -3.04 1.22 10.56
C GLU A 32 -2.98 0.03 11.52
N SER A 33 -1.90 -0.73 11.44
CA SER A 33 -1.73 -1.90 12.30
C SER A 33 -1.00 -1.52 13.59
N GLY A 34 -0.03 -0.62 13.48
CA GLY A 34 0.72 -0.19 14.64
C GLY A 34 2.17 0.11 14.32
N PRO A 35 2.85 0.81 15.24
CA PRO A 35 4.26 1.18 15.07
C PRO A 35 5.19 -0.02 15.15
N ARG A 36 6.20 -0.05 14.29
CA ARG A 36 7.16 -1.15 14.26
C ARG A 36 8.23 -0.95 15.33
N ILE A 37 8.37 -1.95 16.19
CA ILE A 37 9.36 -1.90 17.26
C ILE A 37 10.62 -2.66 16.89
N LYS A 38 10.47 -3.66 16.03
CA LYS A 38 11.60 -4.47 15.58
C LYS A 38 12.58 -3.64 14.77
N LYS A 39 13.80 -4.13 14.63
CA LYS A 39 14.83 -3.43 13.88
C LYS A 39 15.12 -4.13 12.55
N SER A 40 15.20 -3.35 11.48
CA SER A 40 15.45 -3.90 10.15
C SER A 40 16.89 -4.41 10.04
N THR A 41 17.04 -5.70 9.81
CA THR A 41 18.36 -6.31 9.68
C THR A 41 19.07 -5.83 8.42
N GLY A 42 20.26 -5.26 8.59
CA GLY A 42 21.02 -4.77 7.46
C GLY A 42 21.37 -3.30 7.58
N ILE A 43 22.39 -2.88 6.86
CA ILE A 43 22.83 -1.49 6.89
C ILE A 43 21.67 -0.54 6.59
N PRO A 44 21.75 0.68 7.14
CA PRO A 44 20.72 1.70 6.93
C PRO A 44 20.69 2.23 5.50
N ARG A 45 21.51 1.63 4.65
CA ARG A 45 21.58 2.04 3.25
C ARG A 45 21.55 0.83 2.32
N SER A 46 20.77 0.94 1.25
CA SER A 46 20.63 -0.14 0.29
C SER A 46 21.27 0.24 -1.05
N PHE A 47 21.58 -0.77 -1.86
CA PHE A 47 22.19 -0.54 -3.16
C PHE A 47 21.33 0.40 -4.00
N MET A 48 21.82 0.73 -5.20
CA MET A 48 21.09 1.62 -6.09
C MET A 48 20.94 0.98 -7.46
N MET A 49 20.18 1.65 -8.33
CA MET A 49 19.95 1.14 -9.69
C MET A 49 21.20 1.28 -10.54
N GLU A 50 21.88 0.15 -10.75
CA GLU A 50 23.10 0.15 -11.55
C GLU A 50 22.77 0.06 -13.04
N VAL A 51 21.50 0.26 -13.37
CA VAL A 51 21.06 0.20 -14.76
C VAL A 51 21.47 -1.11 -15.42
N LYS A 52 21.23 -2.21 -14.73
CA LYS A 52 21.58 -3.53 -15.25
C LYS A 52 20.33 -4.30 -15.67
N ASP A 53 19.22 -4.04 -14.98
CA ASP A 53 17.96 -4.70 -15.28
C ASP A 53 17.16 -3.90 -16.29
N PRO A 54 17.04 -4.44 -17.52
CA PRO A 54 16.30 -3.80 -18.60
C PRO A 54 14.79 -3.80 -18.36
N ASN A 55 14.30 -4.88 -17.76
CA ASN A 55 12.87 -5.00 -17.47
C ASN A 55 12.29 -3.67 -17.04
ZN ZN B . -3.65 3.27 -0.85
N GLY A 1 11.55 -2.16 -1.35
CA GLY A 1 12.44 -1.35 -2.16
C GLY A 1 11.82 -0.97 -3.49
N SER A 2 12.27 0.14 -4.06
CA SER A 2 11.74 0.61 -5.33
C SER A 2 11.53 -0.55 -6.31
N SER A 3 12.60 -1.32 -6.54
CA SER A 3 12.53 -2.45 -7.44
C SER A 3 11.48 -3.46 -6.98
N GLY A 4 11.24 -4.48 -7.79
CA GLY A 4 10.26 -5.49 -7.46
C GLY A 4 8.85 -5.09 -7.85
N SER A 5 8.33 -4.06 -7.18
CA SER A 5 6.98 -3.58 -7.46
C SER A 5 6.88 -3.03 -8.87
N SER A 6 5.98 -3.61 -9.66
CA SER A 6 5.78 -3.18 -11.05
C SER A 6 4.41 -2.54 -11.22
N GLY A 7 4.20 -1.91 -12.38
CA GLY A 7 2.94 -1.27 -12.66
C GLY A 7 2.66 -0.11 -11.72
N TYR A 8 1.67 0.72 -12.07
CA TYR A 8 1.31 1.86 -11.25
C TYR A 8 1.07 1.45 -9.80
N THR A 9 0.79 2.43 -8.95
CA THR A 9 0.55 2.18 -7.54
C THR A 9 -0.17 3.35 -6.89
N CYS A 10 -0.94 3.06 -5.83
CA CYS A 10 -1.68 4.09 -5.12
C CYS A 10 -0.75 5.20 -4.65
N PHE A 11 -0.92 6.39 -5.20
CA PHE A 11 -0.10 7.54 -4.83
C PHE A 11 -0.51 8.09 -3.47
N ARG A 12 -1.57 7.52 -2.90
CA ARG A 12 -2.06 7.95 -1.60
C ARG A 12 -1.21 7.37 -0.47
N CYS A 13 -1.30 6.06 -0.29
CA CYS A 13 -0.53 5.37 0.74
C CYS A 13 0.75 4.76 0.18
N GLY A 14 0.70 4.39 -1.09
CA GLY A 14 1.86 3.80 -1.75
C GLY A 14 1.79 2.28 -1.76
N LYS A 15 0.60 1.74 -2.01
CA LYS A 15 0.41 0.30 -2.06
C LYS A 15 -0.22 -0.12 -3.37
N PRO A 16 0.31 -1.19 -3.98
CA PRO A 16 -0.19 -1.72 -5.25
C PRO A 16 -1.55 -2.37 -5.12
N GLY A 17 -2.11 -2.82 -6.24
CA GLY A 17 -3.41 -3.45 -6.22
C GLY A 17 -4.54 -2.46 -6.40
N HIS A 18 -4.43 -1.31 -5.76
CA HIS A 18 -5.45 -0.27 -5.85
C HIS A 18 -4.83 1.07 -6.23
N TYR A 19 -5.68 2.07 -6.43
CA TYR A 19 -5.22 3.40 -6.81
C TYR A 19 -5.59 4.43 -5.74
N ILE A 20 -5.14 5.66 -5.93
CA ILE A 20 -5.42 6.73 -4.99
C ILE A 20 -6.92 7.00 -4.91
N LYS A 21 -7.65 6.61 -5.94
CA LYS A 21 -9.10 6.80 -5.98
C LYS A 21 -9.81 5.65 -5.29
N ASN A 22 -9.27 4.45 -5.42
CA ASN A 22 -9.86 3.27 -4.81
C ASN A 22 -9.11 2.88 -3.53
N CYS A 23 -8.32 3.82 -3.01
CA CYS A 23 -7.55 3.58 -1.80
C CYS A 23 -8.46 3.44 -0.58
N PRO A 24 -8.19 2.42 0.24
CA PRO A 24 -8.98 2.14 1.44
C PRO A 24 -8.77 3.21 2.52
N THR A 25 -7.51 3.56 2.76
CA THR A 25 -7.18 4.57 3.77
C THR A 25 -8.21 5.69 3.78
N ASN A 26 -8.82 5.94 2.63
CA ASN A 26 -9.82 6.99 2.51
C ASN A 26 -10.88 6.87 3.61
N GLY A 27 -11.52 5.70 3.66
CA GLY A 27 -12.55 5.48 4.66
C GLY A 27 -11.97 5.28 6.05
N ASP A 28 -10.83 4.60 6.12
CA ASP A 28 -10.17 4.35 7.40
C ASP A 28 -9.82 5.66 8.11
N LYS A 29 -10.55 5.96 9.18
CA LYS A 29 -10.33 7.18 9.93
C LYS A 29 -8.93 7.18 10.56
N ASN A 30 -8.64 6.15 11.35
CA ASN A 30 -7.33 6.03 11.99
C ASN A 30 -6.23 6.60 11.11
N PHE A 31 -6.27 6.26 9.83
CA PHE A 31 -5.27 6.73 8.88
C PHE A 31 -5.24 8.25 8.84
N GLU A 32 -6.35 8.86 8.43
CA GLU A 32 -6.45 10.31 8.35
C GLU A 32 -6.10 10.95 9.68
N SER A 33 -6.57 10.34 10.77
CA SER A 33 -6.31 10.86 12.11
C SER A 33 -4.82 11.10 12.32
N GLY A 34 -4.01 10.12 11.94
CA GLY A 34 -2.56 10.24 12.10
C GLY A 34 -1.80 9.50 11.02
N PRO A 35 -0.98 10.24 10.26
CA PRO A 35 -0.17 9.67 9.18
C PRO A 35 0.95 8.76 9.71
N ARG A 36 1.74 8.23 8.78
CA ARG A 36 2.84 7.35 9.14
C ARG A 36 2.35 6.17 9.98
N ILE A 37 1.28 5.53 9.52
CA ILE A 37 0.71 4.39 10.23
C ILE A 37 0.03 3.42 9.26
N LYS A 38 0.19 2.14 9.52
CA LYS A 38 -0.40 1.11 8.67
C LYS A 38 -1.63 0.49 9.35
N LYS A 39 -2.35 -0.33 8.60
CA LYS A 39 -3.54 -0.99 9.12
C LYS A 39 -3.41 -2.51 9.04
N SER A 40 -4.09 -3.20 9.95
CA SER A 40 -4.04 -4.66 9.97
C SER A 40 -4.46 -5.25 8.63
N THR A 41 -3.59 -6.09 8.07
CA THR A 41 -3.87 -6.72 6.78
C THR A 41 -4.64 -8.02 6.96
N GLY A 42 -5.41 -8.39 5.93
CA GLY A 42 -6.18 -9.62 6.00
C GLY A 42 -7.66 -9.38 5.75
N ILE A 43 -8.37 -10.42 5.33
CA ILE A 43 -9.79 -10.33 5.05
C ILE A 43 -10.61 -10.46 6.33
N PRO A 44 -11.79 -9.83 6.34
CA PRO A 44 -12.70 -9.86 7.50
C PRO A 44 -13.32 -11.24 7.71
N ARG A 45 -13.89 -11.80 6.64
CA ARG A 45 -14.51 -13.11 6.71
C ARG A 45 -14.82 -13.64 5.31
N SER A 46 -15.24 -14.90 5.25
CA SER A 46 -15.57 -15.53 3.98
C SER A 46 -16.89 -16.29 4.06
N PHE A 47 -17.85 -15.89 3.24
CA PHE A 47 -19.16 -16.54 3.23
C PHE A 47 -19.35 -17.37 1.97
N MET A 48 -18.26 -17.56 1.22
CA MET A 48 -18.30 -18.34 -0.01
C MET A 48 -18.70 -19.78 0.27
N MET A 49 -19.70 -20.26 -0.45
CA MET A 49 -20.19 -21.63 -0.28
C MET A 49 -20.89 -22.13 -1.54
N GLU A 50 -20.19 -22.96 -2.31
CA GLU A 50 -20.75 -23.50 -3.55
C GLU A 50 -21.13 -24.97 -3.38
N VAL A 51 -21.24 -25.40 -2.13
CA VAL A 51 -21.59 -26.78 -1.83
C VAL A 51 -23.10 -27.01 -2.00
N LYS A 52 -23.78 -26.04 -2.57
CA LYS A 52 -25.22 -26.13 -2.79
C LYS A 52 -25.53 -26.44 -4.26
N ASP A 53 -25.95 -27.67 -4.52
CA ASP A 53 -26.29 -28.08 -5.88
C ASP A 53 -27.31 -29.21 -5.87
N PRO A 54 -28.51 -28.94 -6.42
CA PRO A 54 -29.59 -29.91 -6.47
C PRO A 54 -29.31 -31.05 -7.45
N ASN A 55 -28.92 -30.70 -8.67
CA ASN A 55 -28.61 -31.69 -9.69
C ASN A 55 -27.13 -31.65 -10.05
ZN ZN B . -3.68 3.37 -0.93
N GLY A 1 18.06 4.51 -11.58
CA GLY A 1 18.33 3.16 -12.07
C GLY A 1 17.05 2.36 -12.24
N SER A 2 16.22 2.35 -11.20
CA SER A 2 14.96 1.60 -11.24
C SER A 2 13.78 2.54 -11.45
N SER A 3 14.07 3.76 -11.88
CA SER A 3 13.03 4.75 -12.11
C SER A 3 12.14 4.34 -13.28
N GLY A 4 10.83 4.30 -13.03
CA GLY A 4 9.90 3.92 -14.08
C GLY A 4 9.37 2.51 -13.91
N SER A 5 8.67 2.28 -12.80
CA SER A 5 8.12 0.95 -12.52
C SER A 5 6.98 0.62 -13.48
N SER A 6 6.84 -0.66 -13.80
CA SER A 6 5.79 -1.11 -14.71
C SER A 6 4.44 -1.13 -14.02
N GLY A 7 3.46 -0.47 -14.64
CA GLY A 7 2.13 -0.42 -14.08
C GLY A 7 1.86 0.86 -13.31
N TYR A 8 1.34 0.74 -12.11
CA TYR A 8 1.05 1.89 -11.28
C TYR A 8 0.79 1.48 -9.83
N THR A 9 0.74 2.46 -8.94
CA THR A 9 0.50 2.20 -7.53
C THR A 9 -0.21 3.37 -6.86
N CYS A 10 -0.97 3.09 -5.82
CA CYS A 10 -1.71 4.12 -5.09
C CYS A 10 -0.78 5.23 -4.64
N PHE A 11 -0.97 6.43 -5.20
CA PHE A 11 -0.15 7.57 -4.86
C PHE A 11 -0.56 8.15 -3.52
N ARG A 12 -1.55 7.52 -2.88
CA ARG A 12 -2.05 7.99 -1.59
C ARG A 12 -1.20 7.44 -0.45
N CYS A 13 -1.24 6.12 -0.28
CA CYS A 13 -0.48 5.46 0.78
C CYS A 13 0.80 4.84 0.22
N GLY A 14 0.73 4.38 -1.02
CA GLY A 14 1.89 3.77 -1.65
C GLY A 14 1.80 2.26 -1.69
N LYS A 15 0.61 1.73 -1.99
CA LYS A 15 0.40 0.30 -2.06
C LYS A 15 -0.26 -0.09 -3.37
N PRO A 16 0.27 -1.16 -4.00
CA PRO A 16 -0.26 -1.66 -5.27
C PRO A 16 -1.64 -2.30 -5.13
N GLY A 17 -2.15 -2.85 -6.23
CA GLY A 17 -3.45 -3.50 -6.19
C GLY A 17 -4.59 -2.50 -6.33
N HIS A 18 -4.41 -1.31 -5.75
CA HIS A 18 -5.44 -0.27 -5.82
C HIS A 18 -4.82 1.07 -6.18
N TYR A 19 -5.68 2.06 -6.43
CA TYR A 19 -5.21 3.40 -6.80
C TYR A 19 -5.62 4.42 -5.74
N ILE A 20 -5.11 5.64 -5.88
CA ILE A 20 -5.43 6.71 -4.94
C ILE A 20 -6.93 6.96 -4.88
N LYS A 21 -7.63 6.61 -5.95
CA LYS A 21 -9.07 6.79 -6.01
C LYS A 21 -9.81 5.64 -5.33
N ASN A 22 -9.26 4.43 -5.47
CA ASN A 22 -9.86 3.25 -4.86
C ASN A 22 -9.11 2.85 -3.59
N CYS A 23 -8.34 3.78 -3.05
CA CYS A 23 -7.57 3.54 -1.83
C CYS A 23 -8.49 3.38 -0.63
N PRO A 24 -8.22 2.35 0.18
CA PRO A 24 -9.01 2.07 1.39
C PRO A 24 -8.81 3.11 2.48
N THR A 25 -7.55 3.45 2.75
CA THR A 25 -7.22 4.43 3.76
C THR A 25 -8.21 5.58 3.77
N ASN A 26 -8.64 5.99 2.57
CA ASN A 26 -9.60 7.09 2.45
C ASN A 26 -10.64 7.04 3.56
N GLY A 27 -11.42 5.95 3.58
CA GLY A 27 -12.44 5.80 4.60
C GLY A 27 -11.91 5.17 5.87
N ASP A 28 -10.70 5.57 6.28
CA ASP A 28 -10.09 5.03 7.48
C ASP A 28 -9.36 6.13 8.25
N LYS A 29 -8.80 5.77 9.40
CA LYS A 29 -8.07 6.72 10.23
C LYS A 29 -7.09 6.00 11.15
N ASN A 30 -6.03 6.70 11.54
CA ASN A 30 -5.02 6.13 12.43
C ASN A 30 -4.33 4.95 11.76
N PHE A 31 -4.00 5.10 10.48
CA PHE A 31 -3.33 4.04 9.74
C PHE A 31 -1.82 4.31 9.66
N GLU A 32 -1.10 3.37 9.04
CA GLU A 32 0.34 3.50 8.90
C GLU A 32 0.84 2.67 7.71
N SER A 33 2.14 2.76 7.44
CA SER A 33 2.75 2.03 6.34
C SER A 33 2.76 0.53 6.63
N GLY A 34 3.28 0.16 7.80
CA GLY A 34 3.35 -1.24 8.19
C GLY A 34 1.97 -1.87 8.29
N PRO A 35 1.76 -2.95 7.51
CA PRO A 35 0.49 -3.67 7.50
C PRO A 35 0.24 -4.44 8.79
N ARG A 36 -0.84 -5.21 8.82
CA ARG A 36 -1.19 -5.99 10.00
C ARG A 36 -1.07 -7.48 9.72
N ILE A 37 -0.35 -7.82 8.65
CA ILE A 37 -0.15 -9.22 8.27
C ILE A 37 -1.44 -10.02 8.44
N LYS A 38 -2.58 -9.35 8.23
CA LYS A 38 -3.88 -10.00 8.36
C LYS A 38 -3.95 -11.24 7.47
N LYS A 39 -3.49 -11.10 6.24
CA LYS A 39 -3.51 -12.21 5.28
C LYS A 39 -2.56 -13.32 5.74
N SER A 40 -2.57 -14.43 5.00
CA SER A 40 -1.72 -15.56 5.33
C SER A 40 -0.74 -15.86 4.19
N THR A 41 0.16 -16.81 4.42
CA THR A 41 1.14 -17.18 3.41
C THR A 41 0.63 -18.31 2.53
N GLY A 42 0.83 -18.18 1.22
CA GLY A 42 0.38 -19.19 0.29
C GLY A 42 -0.63 -18.66 -0.71
N ILE A 43 -0.62 -19.22 -1.91
CA ILE A 43 -1.53 -18.80 -2.97
C ILE A 43 -2.97 -19.14 -2.61
N PRO A 44 -3.92 -18.29 -3.06
CA PRO A 44 -5.34 -18.49 -2.81
C PRO A 44 -5.91 -19.69 -3.57
N ARG A 45 -7.24 -19.79 -3.60
CA ARG A 45 -7.90 -20.89 -4.30
C ARG A 45 -7.17 -21.21 -5.60
N SER A 46 -6.76 -20.18 -6.33
CA SER A 46 -6.06 -20.36 -7.59
C SER A 46 -6.85 -21.29 -8.52
N PHE A 47 -8.17 -21.18 -8.47
CA PHE A 47 -9.05 -22.00 -9.30
C PHE A 47 -10.43 -21.38 -9.41
N MET A 48 -11.28 -21.97 -10.24
CA MET A 48 -12.64 -21.48 -10.44
C MET A 48 -13.62 -22.24 -9.58
N MET A 49 -13.25 -23.46 -9.18
CA MET A 49 -14.11 -24.29 -8.35
C MET A 49 -13.63 -24.28 -6.90
N GLU A 50 -14.57 -24.37 -5.97
CA GLU A 50 -14.25 -24.36 -4.55
C GLU A 50 -14.40 -25.77 -3.96
N VAL A 51 -14.47 -26.77 -4.83
CA VAL A 51 -14.60 -28.15 -4.39
C VAL A 51 -13.33 -28.95 -4.68
N LYS A 52 -13.00 -29.85 -3.77
CA LYS A 52 -11.80 -30.69 -3.92
C LYS A 52 -12.18 -32.16 -3.97
N ASP A 53 -11.30 -32.97 -4.55
CA ASP A 53 -11.53 -34.41 -4.66
C ASP A 53 -10.42 -35.19 -3.97
N PRO A 54 -10.76 -36.38 -3.46
CA PRO A 54 -9.81 -37.25 -2.76
C PRO A 54 -8.78 -37.86 -3.72
N ASN A 55 -9.26 -38.45 -4.81
CA ASN A 55 -8.39 -39.06 -5.79
C ASN A 55 -7.53 -38.01 -6.49
ZN ZN B . -3.67 3.40 -0.89
N GLY A 1 14.56 3.68 -22.31
CA GLY A 1 13.18 3.44 -21.91
C GLY A 1 12.98 3.64 -20.42
N SER A 2 11.73 3.52 -19.98
CA SER A 2 11.41 3.69 -18.57
C SER A 2 11.91 2.51 -17.74
N SER A 3 12.56 2.82 -16.62
CA SER A 3 13.11 1.80 -15.75
C SER A 3 12.10 1.42 -14.65
N GLY A 4 11.61 2.43 -13.94
CA GLY A 4 10.65 2.18 -12.89
C GLY A 4 9.52 1.27 -13.32
N SER A 5 8.69 0.86 -12.37
CA SER A 5 7.57 -0.03 -12.66
C SER A 5 6.72 0.52 -13.80
N SER A 6 6.32 -0.36 -14.71
CA SER A 6 5.50 0.05 -15.85
C SER A 6 4.06 0.30 -15.42
N GLY A 7 3.53 -0.58 -14.58
CA GLY A 7 2.18 -0.43 -14.10
C GLY A 7 1.96 0.84 -13.32
N TYR A 8 1.39 0.74 -12.12
CA TYR A 8 1.13 1.90 -11.28
C TYR A 8 0.85 1.47 -9.84
N THR A 9 0.81 2.44 -8.94
CA THR A 9 0.55 2.18 -7.54
C THR A 9 -0.14 3.37 -6.87
N CYS A 10 -0.95 3.07 -5.85
CA CYS A 10 -1.67 4.10 -5.14
C CYS A 10 -0.73 5.21 -4.66
N PHE A 11 -0.92 6.40 -5.20
CA PHE A 11 -0.07 7.54 -4.83
C PHE A 11 -0.49 8.10 -3.47
N ARG A 12 -1.56 7.54 -2.91
CA ARG A 12 -2.05 7.99 -1.60
C ARG A 12 -1.20 7.40 -0.47
N CYS A 13 -1.28 6.09 -0.30
CA CYS A 13 -0.52 5.41 0.75
C CYS A 13 0.76 4.81 0.18
N GLY A 14 0.71 4.37 -1.07
CA GLY A 14 1.87 3.78 -1.71
C GLY A 14 1.80 2.27 -1.74
N LYS A 15 0.62 1.73 -2.02
CA LYS A 15 0.43 0.30 -2.08
C LYS A 15 -0.25 -0.11 -3.39
N PRO A 16 0.27 -1.18 -4.01
CA PRO A 16 -0.26 -1.69 -5.28
C PRO A 16 -1.63 -2.33 -5.11
N GLY A 17 -2.17 -2.87 -6.21
CA GLY A 17 -3.47 -3.51 -6.15
C GLY A 17 -4.61 -2.52 -6.29
N HIS A 18 -4.42 -1.33 -5.75
CA HIS A 18 -5.45 -0.29 -5.81
C HIS A 18 -4.83 1.05 -6.19
N TYR A 19 -5.69 2.04 -6.44
CA TYR A 19 -5.23 3.37 -6.81
C TYR A 19 -5.61 4.40 -5.75
N ILE A 20 -5.15 5.63 -5.94
CA ILE A 20 -5.44 6.71 -5.01
C ILE A 20 -6.95 6.97 -4.92
N LYS A 21 -7.66 6.65 -6.00
CA LYS A 21 -9.09 6.85 -6.06
C LYS A 21 -9.83 5.70 -5.38
N ASN A 22 -9.23 4.51 -5.42
CA ASN A 22 -9.82 3.33 -4.81
C ASN A 22 -9.07 2.93 -3.54
N CYS A 23 -8.28 3.87 -3.02
CA CYS A 23 -7.51 3.61 -1.81
C CYS A 23 -8.42 3.44 -0.60
N PRO A 24 -8.13 2.41 0.22
CA PRO A 24 -8.91 2.12 1.42
C PRO A 24 -8.72 3.17 2.51
N THR A 25 -7.47 3.58 2.72
CA THR A 25 -7.16 4.58 3.73
C THR A 25 -8.25 5.63 3.83
N ASN A 26 -8.83 5.98 2.68
CA ASN A 26 -9.90 6.98 2.64
C ASN A 26 -11.02 6.62 3.61
N GLY A 27 -11.12 7.38 4.70
CA GLY A 27 -12.15 7.13 5.68
C GLY A 27 -11.73 6.10 6.71
N ASP A 28 -10.49 6.20 7.17
CA ASP A 28 -9.96 5.27 8.16
C ASP A 28 -10.01 5.87 9.57
N LYS A 29 -9.75 5.05 10.57
CA LYS A 29 -9.77 5.50 11.96
C LYS A 29 -8.36 5.49 12.55
N ASN A 30 -7.54 4.55 12.08
CA ASN A 30 -6.16 4.44 12.57
C ASN A 30 -5.21 5.23 11.68
N PHE A 31 -5.18 4.88 10.41
CA PHE A 31 -4.30 5.55 9.45
C PHE A 31 -4.67 7.02 9.32
N GLU A 32 -3.78 7.90 9.79
CA GLU A 32 -4.02 9.33 9.72
C GLU A 32 -2.84 10.06 9.08
N SER A 33 -3.09 10.69 7.94
CA SER A 33 -2.05 11.42 7.22
C SER A 33 -1.58 12.64 8.01
N GLY A 34 -0.30 12.94 7.91
CA GLY A 34 0.25 14.09 8.62
C GLY A 34 1.03 15.01 7.72
N PRO A 35 0.68 16.31 7.74
CA PRO A 35 1.35 17.33 6.92
C PRO A 35 2.78 17.59 7.38
N ARG A 36 3.58 18.20 6.49
CA ARG A 36 4.97 18.51 6.81
C ARG A 36 5.43 19.75 6.05
N ILE A 37 6.62 20.22 6.38
CA ILE A 37 7.18 21.41 5.73
C ILE A 37 8.04 21.02 4.53
N LYS A 38 8.61 19.81 4.58
CA LYS A 38 9.45 19.32 3.50
C LYS A 38 8.61 18.83 2.33
N LYS A 39 8.82 19.42 1.17
CA LYS A 39 8.09 19.04 -0.04
C LYS A 39 9.01 18.97 -1.24
N SER A 40 8.46 18.54 -2.38
CA SER A 40 9.24 18.42 -3.61
C SER A 40 9.81 19.78 -4.01
N THR A 41 10.90 19.76 -4.78
CA THR A 41 11.54 20.97 -5.24
C THR A 41 10.52 21.99 -5.74
N GLY A 42 9.72 21.58 -6.72
CA GLY A 42 8.70 22.46 -7.26
C GLY A 42 9.21 23.87 -7.46
N ILE A 43 9.79 24.13 -8.63
CA ILE A 43 10.32 25.46 -8.95
C ILE A 43 9.53 26.11 -10.08
N PRO A 44 9.45 27.45 -10.05
CA PRO A 44 8.73 28.23 -11.06
C PRO A 44 9.42 28.19 -12.42
N ARG A 45 8.74 28.69 -13.43
CA ARG A 45 9.29 28.72 -14.79
C ARG A 45 9.52 27.30 -15.31
N SER A 46 8.65 26.38 -14.90
CA SER A 46 8.76 24.99 -15.32
C SER A 46 9.05 24.89 -16.81
N PHE A 47 8.10 25.34 -17.62
CA PHE A 47 8.24 25.31 -19.07
C PHE A 47 7.49 26.46 -19.72
N MET A 48 8.22 27.37 -20.35
CA MET A 48 7.63 28.52 -21.01
C MET A 48 8.42 28.91 -22.25
N MET A 49 7.77 29.60 -23.18
CA MET A 49 8.41 30.03 -24.41
C MET A 49 8.90 28.84 -25.23
N GLU A 50 8.06 27.81 -25.33
CA GLU A 50 8.41 26.61 -26.08
C GLU A 50 8.19 26.82 -27.58
N VAL A 51 8.01 28.08 -27.97
CA VAL A 51 7.80 28.41 -29.37
C VAL A 51 8.76 29.52 -29.83
N LYS A 52 8.78 29.78 -31.13
CA LYS A 52 9.65 30.81 -31.69
C LYS A 52 11.11 30.55 -31.33
N ASP A 53 11.54 29.31 -31.52
CA ASP A 53 12.93 28.94 -31.23
C ASP A 53 13.90 29.75 -32.06
N PRO A 54 13.62 29.85 -33.37
CA PRO A 54 14.46 30.59 -34.31
C PRO A 54 14.40 32.10 -34.08
N ASN A 55 13.66 32.50 -33.05
CA ASN A 55 13.51 33.92 -32.72
C ASN A 55 14.25 34.26 -31.44
ZN ZN B . -3.63 3.41 -0.94
N GLY A 1 9.26 3.66 2.19
CA GLY A 1 9.34 4.33 0.90
C GLY A 1 9.29 3.36 -0.27
N SER A 2 8.09 2.93 -0.62
CA SER A 2 7.91 1.99 -1.72
C SER A 2 7.63 2.73 -3.03
N SER A 3 8.01 2.11 -4.14
CA SER A 3 7.81 2.71 -5.46
C SER A 3 7.15 1.71 -6.42
N GLY A 4 6.71 2.22 -7.56
CA GLY A 4 6.06 1.36 -8.54
C GLY A 4 6.85 1.27 -9.84
N SER A 5 7.88 0.45 -9.86
CA SER A 5 8.71 0.29 -11.04
C SER A 5 7.85 0.15 -12.29
N SER A 6 6.92 -0.80 -12.26
CA SER A 6 6.04 -1.03 -13.40
C SER A 6 4.59 -0.78 -13.02
N GLY A 7 3.71 -0.74 -14.02
CA GLY A 7 2.30 -0.50 -13.76
C GLY A 7 2.06 0.80 -13.02
N TYR A 8 1.39 0.69 -11.87
CA TYR A 8 1.09 1.86 -11.05
C TYR A 8 0.77 1.46 -9.62
N THR A 9 0.77 2.44 -8.72
CA THR A 9 0.49 2.19 -7.32
C THR A 9 -0.23 3.38 -6.68
N CYS A 10 -1.03 3.10 -5.65
CA CYS A 10 -1.77 4.15 -4.96
C CYS A 10 -0.83 5.27 -4.49
N PHE A 11 -0.97 6.44 -5.09
CA PHE A 11 -0.15 7.59 -4.75
C PHE A 11 -0.53 8.15 -3.38
N ARG A 12 -1.63 7.64 -2.82
CA ARG A 12 -2.11 8.08 -1.53
C ARG A 12 -1.24 7.53 -0.41
N CYS A 13 -1.15 6.20 -0.34
CA CYS A 13 -0.34 5.55 0.69
C CYS A 13 0.85 4.82 0.07
N GLY A 14 0.70 4.41 -1.18
CA GLY A 14 1.76 3.72 -1.87
C GLY A 14 1.59 2.21 -1.85
N LYS A 15 0.35 1.76 -1.98
CA LYS A 15 0.04 0.33 -1.98
C LYS A 15 -0.45 -0.12 -3.35
N PRO A 16 0.18 -1.19 -3.88
CA PRO A 16 -0.19 -1.74 -5.19
C PRO A 16 -1.55 -2.43 -5.17
N GLY A 17 -2.08 -2.72 -6.36
CA GLY A 17 -3.36 -3.37 -6.46
C GLY A 17 -4.51 -2.38 -6.54
N HIS A 18 -4.44 -1.32 -5.73
CA HIS A 18 -5.47 -0.30 -5.71
C HIS A 18 -4.90 1.06 -6.03
N TYR A 19 -5.75 1.98 -6.47
CA TYR A 19 -5.32 3.33 -6.82
C TYR A 19 -5.71 4.33 -5.74
N ILE A 20 -5.17 5.53 -5.83
CA ILE A 20 -5.46 6.58 -4.85
C ILE A 20 -6.97 6.82 -4.74
N LYS A 21 -7.67 6.68 -5.87
CA LYS A 21 -9.12 6.88 -5.89
C LYS A 21 -9.83 5.70 -5.25
N ASN A 22 -9.24 4.52 -5.34
CA ASN A 22 -9.82 3.31 -4.77
C ASN A 22 -9.06 2.88 -3.52
N CYS A 23 -8.27 3.80 -2.96
CA CYS A 23 -7.49 3.51 -1.77
C CYS A 23 -8.39 3.28 -0.57
N PRO A 24 -8.07 2.23 0.23
CA PRO A 24 -8.85 1.89 1.42
C PRO A 24 -8.69 2.91 2.54
N THR A 25 -7.48 3.45 2.67
CA THR A 25 -7.20 4.44 3.70
C THR A 25 -8.15 5.63 3.59
N ASN A 26 -8.36 6.11 2.37
CA ASN A 26 -9.26 7.24 2.14
C ASN A 26 -10.66 6.93 2.64
N GLY A 27 -10.95 5.65 2.83
CA GLY A 27 -12.27 5.26 3.31
C GLY A 27 -12.19 4.47 4.61
N ASP A 28 -11.25 4.83 5.47
CA ASP A 28 -11.09 4.15 6.75
C ASP A 28 -11.14 5.15 7.90
N LYS A 29 -12.03 4.90 8.85
CA LYS A 29 -12.17 5.77 10.01
C LYS A 29 -10.96 5.68 10.93
N ASN A 30 -10.29 4.53 10.89
CA ASN A 30 -9.10 4.31 11.72
C ASN A 30 -7.95 5.20 11.25
N PHE A 31 -7.54 5.03 10.00
CA PHE A 31 -6.45 5.81 9.43
C PHE A 31 -6.61 7.29 9.79
N GLU A 32 -7.81 7.81 9.58
CA GLU A 32 -8.09 9.21 9.88
C GLU A 32 -8.01 9.49 11.38
N SER A 33 -7.25 10.51 11.75
CA SER A 33 -7.09 10.87 13.15
C SER A 33 -6.56 9.69 13.96
N GLY A 34 -5.59 8.98 13.39
CA GLY A 34 -5.01 7.83 14.06
C GLY A 34 -4.21 8.22 15.29
N PRO A 35 -3.69 7.22 16.01
CA PRO A 35 -2.89 7.45 17.21
C PRO A 35 -1.54 8.07 16.91
N ARG A 36 -0.83 7.50 15.93
CA ARG A 36 0.48 8.01 15.54
C ARG A 36 0.58 8.15 14.02
N ILE A 37 0.69 9.37 13.54
CA ILE A 37 0.79 9.64 12.12
C ILE A 37 2.18 10.17 11.75
N LYS A 38 2.71 9.68 10.63
CA LYS A 38 4.02 10.11 10.17
C LYS A 38 4.03 10.31 8.66
N LYS A 39 4.48 11.48 8.22
CA LYS A 39 4.54 11.80 6.80
C LYS A 39 5.93 11.48 6.23
N SER A 40 5.99 11.29 4.92
CA SER A 40 7.25 10.98 4.26
C SER A 40 7.47 11.90 3.06
N THR A 41 8.63 11.76 2.42
CA THR A 41 8.96 12.57 1.26
C THR A 41 9.28 11.70 0.04
N GLY A 42 8.99 12.22 -1.15
CA GLY A 42 9.24 11.48 -2.36
C GLY A 42 10.64 11.71 -2.90
N ILE A 43 10.82 11.45 -4.19
CA ILE A 43 12.12 11.62 -4.82
C ILE A 43 12.69 13.01 -4.55
N PRO A 44 14.02 13.11 -4.54
CA PRO A 44 14.72 14.39 -4.30
C PRO A 44 14.54 15.37 -5.45
N ARG A 45 14.14 14.86 -6.61
CA ARG A 45 13.94 15.68 -7.79
C ARG A 45 13.00 15.00 -8.78
N SER A 46 11.83 15.59 -8.96
CA SER A 46 10.83 15.05 -9.89
C SER A 46 11.49 14.55 -11.17
N PHE A 47 12.05 15.48 -11.94
CA PHE A 47 12.72 15.15 -13.18
C PHE A 47 13.98 14.33 -12.94
N MET A 48 14.26 13.39 -13.83
CA MET A 48 15.44 12.54 -13.71
C MET A 48 16.29 12.60 -14.97
N MET A 49 17.55 12.21 -14.85
CA MET A 49 18.47 12.22 -15.98
C MET A 49 18.65 10.82 -16.55
N GLU A 50 18.11 10.59 -17.74
CA GLU A 50 18.21 9.28 -18.39
C GLU A 50 19.07 9.36 -19.64
N VAL A 51 19.78 10.49 -19.80
CA VAL A 51 20.64 10.70 -20.96
C VAL A 51 22.01 10.09 -20.74
N LYS A 52 22.15 9.31 -19.67
CA LYS A 52 23.41 8.66 -19.35
C LYS A 52 23.90 7.82 -20.52
N ASP A 53 22.97 7.28 -21.29
CA ASP A 53 23.31 6.45 -22.44
C ASP A 53 23.76 7.32 -23.62
N PRO A 54 24.78 6.83 -24.35
CA PRO A 54 25.32 7.54 -25.52
C PRO A 54 24.35 7.56 -26.69
N ASN A 55 23.25 6.84 -26.55
CA ASN A 55 22.23 6.77 -27.60
C ASN A 55 21.25 7.94 -27.49
ZN ZN B . -3.63 3.37 -0.75
#